data_6WQX
#
_entry.id   6WQX
#
_cell.length_a   66.856
_cell.length_b   77.540
_cell.length_c   100.413
_cell.angle_alpha   90.000
_cell.angle_beta   106.814
_cell.angle_gamma   90.000
#
_symmetry.space_group_name_H-M   'P 1 21 1'
#
loop_
_entity.id
_entity.type
_entity.pdbx_description
1 polymer 'EKC/KEOPS complex subunit TPRKB'
2 polymer 'EKC/KEOPS complex subunit TP53RK'
3 non-polymer 'PHOSPHOAMINOPHOSPHONIC ACID-ADENYLATE ESTER'
4 non-polymer 'MAGNESIUM ION'
5 water water
#
loop_
_entity_poly.entity_id
_entity_poly.type
_entity_poly.pdbx_seq_one_letter_code
_entity_poly.pdbx_strand_id
1 'polypeptide(L)'
;MARSMQLTHQLDLFPECRVTLLLFKDVKNAGDLRRKAMEGTIDGSLINPTVIVDPFQILVAANKAVHLYKLGKMKTRTLS
TEIIFNLSPNNNISEALKKFGISANDTSILIVYIEEGEKQINQEYLISQVEGHQVSLKNLPEIMNITEVKKIYKLSSQEE
SIGTLLDAIICRMSTKDVL
;
B,A
2 'polypeptide(L)'
;MGSSHHHHHHSQGSMAAARATTPADGEEPAPEAEALAAARERSSRFLSGLELVKQGAEARVFRGRFQGRAAVIKHRFPKG
YRHPALEARLGRRRTVQEARALLRCRRAGISAPVVFFVDYASNCLYMEEIEGSVTVRDYIQSTMETEKTPQGLSNLAKTI
GQVLARMHDEDLIHGDLTTSNMLLKPPLEQLNIVLIDFGLSFISALPEDKGVDLYVLEKAFLSTHPNTETVFEAFLKSYS
TSSKKARPVLKKLDEVRLRGRKRSMVG
;
C,D
#
loop_
_chem_comp.id
_chem_comp.type
_chem_comp.name
_chem_comp.formula
ANP non-polymer 'PHOSPHOAMINOPHOSPHONIC ACID-ADENYLATE ESTER' 'C10 H17 N6 O12 P3'
MG non-polymer 'MAGNESIUM ION' 'Mg 2'
#
# COMPACT_ATOMS: atom_id res chain seq x y z
N MET A 5 2.90 17.42 6.57
CA MET A 5 4.18 18.10 6.57
C MET A 5 5.04 17.70 5.34
N GLN A 6 6.24 18.27 5.25
CA GLN A 6 7.08 18.22 4.08
C GLN A 6 8.19 17.19 4.23
N LEU A 7 8.85 16.92 3.10
CA LEU A 7 10.02 16.06 3.03
C LEU A 7 11.07 16.74 2.16
N THR A 8 12.27 16.90 2.68
CA THR A 8 13.32 17.62 1.98
C THR A 8 14.65 16.87 2.03
N HIS A 9 15.31 16.78 0.89
CA HIS A 9 16.62 16.15 0.79
C HIS A 9 17.57 17.06 0.03
N GLN A 10 18.80 17.15 0.53
CA GLN A 10 19.86 17.70 -0.29
C GLN A 10 20.14 16.78 -1.49
N LEU A 11 20.58 17.37 -2.60
CA LEU A 11 21.13 16.62 -3.73
C LEU A 11 22.60 16.33 -3.48
N ASP A 12 22.98 15.06 -3.61
CA ASP A 12 24.39 14.69 -3.37
C ASP A 12 25.32 15.35 -4.39
N LEU A 13 24.95 15.31 -5.68
CA LEU A 13 25.87 15.84 -6.69
C LEU A 13 25.79 17.36 -6.79
N PHE A 14 24.72 17.97 -6.30
CA PHE A 14 24.55 19.42 -6.36
C PHE A 14 24.24 19.92 -4.94
N PRO A 15 25.26 20.01 -4.10
CA PRO A 15 25.00 20.15 -2.65
C PRO A 15 24.29 21.43 -2.24
N GLU A 16 24.27 22.46 -3.08
CA GLU A 16 23.56 23.69 -2.71
C GLU A 16 22.10 23.64 -3.07
N CYS A 17 21.60 22.51 -3.57
CA CYS A 17 20.22 22.43 -4.05
C CYS A 17 19.42 21.52 -3.13
N ARG A 18 18.32 22.03 -2.61
CA ARG A 18 17.39 21.24 -1.82
C ARG A 18 16.27 20.79 -2.73
N VAL A 19 15.76 19.59 -2.51
CA VAL A 19 14.59 19.10 -3.22
C VAL A 19 13.52 18.86 -2.19
N THR A 20 12.35 19.47 -2.37
CA THR A 20 11.30 19.45 -1.39
C THR A 20 10.05 18.79 -1.98
N LEU A 21 9.45 17.88 -1.22
CA LEU A 21 8.23 17.20 -1.62
C LEU A 21 7.09 17.60 -0.68
N LEU A 22 5.92 17.89 -1.26
CA LEU A 22 4.68 18.15 -0.54
C LEU A 22 3.57 17.29 -1.11
N LEU A 23 2.81 16.65 -0.24
CA LEU A 23 1.74 15.75 -0.63
C LEU A 23 0.40 16.25 -0.09
N PHE A 24 -0.62 16.20 -0.94
CA PHE A 24 -1.96 16.69 -0.60
C PHE A 24 -3.01 15.66 -1.00
N LYS A 25 -3.99 15.44 -0.12
CA LYS A 25 -5.15 14.61 -0.40
C LYS A 25 -6.40 15.48 -0.44
N ASP A 26 -7.49 14.89 -0.93
CA ASP A 26 -8.77 15.59 -1.06
C ASP A 26 -8.60 16.95 -1.71
N VAL A 27 -7.96 16.96 -2.87
CA VAL A 27 -7.67 18.19 -3.59
C VAL A 27 -8.88 18.55 -4.44
N LYS A 28 -9.52 19.68 -4.11
CA LYS A 28 -10.68 20.16 -4.85
C LYS A 28 -10.29 20.97 -6.08
N ASN A 29 -9.35 21.90 -5.96
CA ASN A 29 -9.04 22.82 -7.07
C ASN A 29 -7.96 22.24 -7.96
N ALA A 30 -8.25 21.04 -8.46
CA ALA A 30 -7.28 20.31 -9.26
C ALA A 30 -7.03 21.01 -10.59
N GLY A 31 -8.09 21.13 -11.41
CA GLY A 31 -7.93 21.74 -12.72
C GLY A 31 -7.39 23.16 -12.63
N ASP A 32 -7.72 23.87 -11.56
CA ASP A 32 -7.22 25.23 -11.37
C ASP A 32 -5.71 25.25 -11.20
N LEU A 33 -5.21 24.47 -10.22
CA LEU A 33 -3.77 24.28 -10.06
C LEU A 33 -3.10 23.87 -11.36
N ARG A 34 -3.72 22.96 -12.11
CA ARG A 34 -3.18 22.56 -13.40
C ARG A 34 -2.93 23.76 -14.31
N ARG A 35 -3.96 24.60 -14.50
CA ARG A 35 -3.81 25.77 -15.36
C ARG A 35 -2.86 26.80 -14.77
N LYS A 36 -2.80 26.88 -13.43
CA LYS A 36 -1.81 27.76 -12.80
C LYS A 36 -0.39 27.28 -13.03
N ALA A 37 -0.18 25.98 -13.27
CA ALA A 37 1.16 25.48 -13.58
C ALA A 37 1.52 25.72 -15.04
N MET A 38 0.55 25.56 -15.94
CA MET A 38 0.77 25.94 -17.33
C MET A 38 1.12 27.42 -17.44
N GLU A 39 0.42 28.26 -16.66
CA GLU A 39 0.65 29.70 -16.71
C GLU A 39 2.05 30.07 -16.23
N GLY A 40 2.54 29.36 -15.22
CA GLY A 40 3.76 29.77 -14.54
C GLY A 40 3.50 30.59 -13.30
N THR A 41 2.32 30.45 -12.69
CA THR A 41 1.95 31.24 -11.52
C THR A 41 2.15 30.48 -10.21
N ILE A 42 2.28 29.15 -10.28
CA ILE A 42 2.54 28.32 -9.11
C ILE A 42 3.94 27.75 -9.21
N ASP A 43 4.55 27.55 -8.05
CA ASP A 43 5.94 27.11 -7.97
C ASP A 43 6.00 25.59 -8.03
N GLY A 44 7.01 25.08 -8.73
CA GLY A 44 7.29 23.66 -8.69
C GLY A 44 6.58 22.85 -9.74
N SER A 45 6.73 21.53 -9.59
CA SER A 45 6.16 20.55 -10.51
C SER A 45 5.01 19.80 -9.84
N LEU A 46 3.87 19.77 -10.53
CA LEU A 46 2.67 19.09 -10.03
C LEU A 46 2.65 17.68 -10.61
N ILE A 47 2.80 16.69 -9.74
CA ILE A 47 3.03 15.32 -10.17
C ILE A 47 1.92 14.41 -9.67
N ASN A 48 1.63 13.40 -10.47
CA ASN A 48 0.58 12.43 -10.24
C ASN A 48 1.05 11.50 -9.14
N PRO A 49 0.64 11.73 -7.89
CA PRO A 49 1.24 11.00 -6.77
C PRO A 49 0.95 9.52 -6.75
N THR A 50 0.06 9.04 -7.63
CA THR A 50 -0.39 7.65 -7.59
C THR A 50 0.55 6.70 -8.33
N VAL A 51 1.54 7.23 -9.07
CA VAL A 51 2.53 6.42 -9.77
C VAL A 51 3.94 6.68 -9.27
N ILE A 52 4.07 7.44 -8.18
CA ILE A 52 5.33 7.57 -7.47
C ILE A 52 5.33 6.51 -6.38
N VAL A 53 6.32 5.60 -6.42
CA VAL A 53 6.40 4.52 -5.44
C VAL A 53 7.40 4.82 -4.33
N ASP A 54 8.17 5.90 -4.45
CA ASP A 54 9.16 6.23 -3.42
C ASP A 54 9.78 7.59 -3.67
N PRO A 55 10.11 8.35 -2.63
CA PRO A 55 10.86 9.60 -2.84
C PRO A 55 12.14 9.42 -3.65
N PHE A 56 12.80 8.25 -3.59
CA PHE A 56 14.02 8.04 -4.38
C PHE A 56 13.75 8.25 -5.87
N GLN A 57 12.57 7.81 -6.34
CA GLN A 57 12.09 8.09 -7.68
C GLN A 57 12.17 9.59 -7.98
N ILE A 58 11.54 10.41 -7.15
CA ILE A 58 11.53 11.86 -7.39
C ILE A 58 12.95 12.40 -7.35
N LEU A 59 13.80 11.85 -6.48
CA LEU A 59 15.14 12.37 -6.32
C LEU A 59 16.03 12.04 -7.51
N VAL A 60 15.87 10.84 -8.09
CA VAL A 60 16.61 10.50 -9.31
C VAL A 60 16.19 11.44 -10.44
N ALA A 61 14.87 11.60 -10.62
CA ALA A 61 14.35 12.56 -11.61
C ALA A 61 14.84 13.99 -11.34
N ALA A 62 14.84 14.42 -10.07
CA ALA A 62 15.30 15.78 -9.77
C ALA A 62 16.79 15.93 -10.03
N ASN A 63 17.57 14.87 -9.75
CA ASN A 63 19.01 14.94 -9.95
C ASN A 63 19.36 15.07 -11.43
N LYS A 64 18.71 14.27 -12.28
CA LYS A 64 18.99 14.37 -13.71
C LYS A 64 18.48 15.69 -14.27
N ALA A 65 17.39 16.21 -13.70
CA ALA A 65 16.85 17.49 -14.14
C ALA A 65 17.83 18.61 -13.86
N VAL A 66 18.39 18.62 -12.65
CA VAL A 66 19.32 19.68 -12.29
C VAL A 66 20.61 19.54 -13.07
N HIS A 67 21.01 18.30 -13.35
CA HIS A 67 22.24 18.07 -14.12
C HIS A 67 22.12 18.66 -15.51
N LEU A 68 21.01 18.38 -16.22
CA LEU A 68 20.87 18.90 -17.57
C LEU A 68 20.46 20.36 -17.58
N TYR A 69 19.76 20.82 -16.54
CA TYR A 69 19.49 22.25 -16.43
C TYR A 69 20.79 23.04 -16.38
N LYS A 70 21.73 22.58 -15.56
CA LYS A 70 22.99 23.31 -15.43
C LYS A 70 23.81 23.21 -16.69
N LEU A 71 23.59 22.16 -17.48
CA LEU A 71 24.31 22.01 -18.72
C LEU A 71 23.63 22.72 -19.88
N GLY A 72 22.43 23.23 -19.66
CA GLY A 72 21.66 23.84 -20.72
C GLY A 72 21.36 22.81 -21.79
N LYS A 73 20.84 21.67 -21.38
CA LYS A 73 20.63 20.58 -22.33
C LYS A 73 19.39 19.79 -21.98
N MET A 74 18.43 20.46 -21.35
CA MET A 74 17.21 19.78 -20.97
C MET A 74 16.39 19.44 -22.21
N LYS A 75 15.53 18.45 -22.05
CA LYS A 75 14.62 18.09 -23.12
C LYS A 75 13.38 18.96 -23.14
N THR A 76 12.89 19.38 -21.96
CA THR A 76 11.68 20.19 -21.85
C THR A 76 12.03 21.65 -21.62
N ARG A 77 11.04 22.52 -21.63
CA ARG A 77 11.24 23.97 -21.50
C ARG A 77 11.83 24.40 -20.16
N THR A 78 11.46 23.82 -19.04
CA THR A 78 11.81 24.38 -17.74
C THR A 78 12.32 23.29 -16.83
N LEU A 79 12.90 23.73 -15.72
CA LEU A 79 13.29 22.77 -14.71
C LEU A 79 12.08 22.01 -14.17
N SER A 80 10.98 22.71 -13.97
CA SER A 80 9.79 22.08 -13.41
C SER A 80 9.23 21.02 -14.35
N THR A 81 9.24 21.26 -15.66
CA THR A 81 8.77 20.24 -16.58
C THR A 81 9.79 19.12 -16.76
N GLU A 82 11.08 19.43 -16.67
CA GLU A 82 12.10 18.40 -16.80
C GLU A 82 11.96 17.34 -15.71
N ILE A 83 11.71 17.79 -14.47
CA ILE A 83 11.53 16.85 -13.35
C ILE A 83 10.45 15.84 -13.68
N ILE A 84 9.35 16.30 -14.27
CA ILE A 84 8.25 15.39 -14.53
C ILE A 84 8.58 14.47 -15.69
N PHE A 85 9.28 14.99 -16.71
CA PHE A 85 9.58 14.19 -17.89
C PHE A 85 10.50 13.02 -17.52
N ASN A 86 11.50 13.29 -16.66
CA ASN A 86 12.42 12.26 -16.23
C ASN A 86 11.71 11.10 -15.56
N LEU A 87 10.52 11.33 -15.01
CA LEU A 87 9.76 10.23 -14.43
C LEU A 87 9.27 9.25 -15.49
N SER A 88 9.17 9.68 -16.75
CA SER A 88 8.59 8.81 -17.76
C SER A 88 9.58 7.70 -18.17
N PRO A 89 9.08 6.50 -18.41
CA PRO A 89 9.95 5.46 -19.01
C PRO A 89 10.38 5.75 -20.44
N ASN A 90 9.64 6.54 -21.21
CA ASN A 90 9.97 6.78 -22.62
C ASN A 90 10.21 8.25 -22.87
N ASN A 91 10.66 8.57 -24.09
CA ASN A 91 11.13 9.91 -24.42
C ASN A 91 10.07 10.78 -25.10
N ASN A 92 8.80 10.36 -25.07
CA ASN A 92 7.73 11.17 -25.65
C ASN A 92 7.32 12.27 -24.66
N ILE A 93 7.73 13.51 -24.95
CA ILE A 93 7.59 14.59 -23.97
C ILE A 93 6.13 14.79 -23.58
N SER A 94 5.24 14.84 -24.58
CA SER A 94 3.85 15.18 -24.30
C SER A 94 3.13 14.08 -23.55
N GLU A 95 3.32 12.82 -23.96
CA GLU A 95 2.74 11.73 -23.17
C GLU A 95 3.22 11.81 -21.73
N ALA A 96 4.43 12.31 -21.52
CA ALA A 96 5.04 12.21 -20.20
C ALA A 96 4.51 13.28 -19.25
N LEU A 97 4.37 14.53 -19.74
CA LEU A 97 3.77 15.58 -18.94
C LEU A 97 2.29 15.32 -18.69
N LYS A 98 1.62 14.67 -19.64
CA LYS A 98 0.22 14.33 -19.44
C LYS A 98 0.07 13.21 -18.42
N LYS A 99 0.89 12.15 -18.53
CA LYS A 99 0.69 10.97 -17.69
C LYS A 99 1.17 11.21 -16.27
N PHE A 100 2.38 11.73 -16.10
CA PHE A 100 2.96 11.89 -14.78
C PHE A 100 2.62 13.23 -14.16
N GLY A 101 2.00 14.14 -14.91
CA GLY A 101 1.42 15.34 -14.35
C GLY A 101 0.02 15.11 -13.81
N ILE A 102 -0.58 16.20 -13.35
CA ILE A 102 -1.84 16.09 -12.63
C ILE A 102 -2.99 16.27 -13.60
N SER A 103 -4.03 15.47 -13.39
CA SER A 103 -5.26 15.54 -14.17
C SER A 103 -6.27 16.46 -13.49
N ALA A 104 -7.25 16.94 -14.28
CA ALA A 104 -8.28 17.83 -13.73
C ALA A 104 -9.03 17.20 -12.57
N ASN A 105 -9.17 15.88 -12.56
CA ASN A 105 -9.93 15.20 -11.51
C ASN A 105 -9.06 14.70 -10.36
N ASP A 106 -7.76 14.99 -10.37
CA ASP A 106 -6.91 14.52 -9.28
C ASP A 106 -7.44 15.01 -7.96
N THR A 107 -7.52 14.11 -6.98
CA THR A 107 -7.75 14.49 -5.59
C THR A 107 -6.50 14.36 -4.74
N SER A 108 -5.46 13.75 -5.27
CA SER A 108 -4.14 13.75 -4.67
C SER A 108 -3.18 14.46 -5.61
N ILE A 109 -2.36 15.36 -5.06
CA ILE A 109 -1.30 15.98 -5.84
C ILE A 109 -0.03 15.99 -5.02
N LEU A 110 1.09 15.80 -5.70
CA LEU A 110 2.42 15.95 -5.13
C LEU A 110 3.08 17.16 -5.76
N ILE A 111 3.66 18.01 -4.93
CA ILE A 111 4.37 19.18 -5.39
C ILE A 111 5.84 18.95 -5.09
N VAL A 112 6.68 19.13 -6.10
CA VAL A 112 8.10 19.01 -5.97
C VAL A 112 8.71 20.31 -6.45
N TYR A 113 9.56 20.89 -5.64
CA TYR A 113 10.30 22.05 -6.07
C TYR A 113 11.74 21.91 -5.62
N ILE A 114 12.59 22.74 -6.22
CA ILE A 114 14.03 22.68 -6.02
C ILE A 114 14.45 24.11 -5.68
N GLU A 115 15.08 24.28 -4.53
CA GLU A 115 15.66 25.54 -4.09
C GLU A 115 17.17 25.42 -4.16
N GLU A 116 17.84 26.51 -4.50
CA GLU A 116 19.30 26.50 -4.60
C GLU A 116 19.88 27.65 -3.81
N GLY A 117 20.85 27.37 -2.96
CA GLY A 117 21.37 28.41 -2.09
C GLY A 117 20.30 28.82 -1.12
N GLU A 118 20.18 30.13 -0.91
CA GLU A 118 19.25 30.71 0.04
C GLU A 118 18.00 31.26 -0.61
N LYS A 119 17.92 31.28 -1.94
CA LYS A 119 16.69 31.73 -2.58
C LYS A 119 15.59 30.74 -2.21
N GLN A 120 14.71 31.11 -1.29
CA GLN A 120 13.67 30.19 -0.85
C GLN A 120 12.44 30.36 -1.71
N ILE A 121 11.52 29.44 -1.56
CA ILE A 121 10.21 29.38 -2.23
C ILE A 121 9.22 29.67 -1.11
N ASN A 122 8.21 30.46 -1.35
CA ASN A 122 7.18 30.73 -0.35
C ASN A 122 6.41 29.43 -0.14
N GLN A 123 6.82 28.55 0.76
CA GLN A 123 6.08 27.32 0.99
C GLN A 123 4.67 27.60 1.46
N GLU A 124 4.52 28.53 2.40
CA GLU A 124 3.19 28.85 2.94
C GLU A 124 2.23 29.30 1.84
N TYR A 125 2.70 30.15 0.92
CA TYR A 125 1.84 30.60 -0.15
C TYR A 125 1.45 29.46 -1.09
N LEU A 126 2.38 28.54 -1.38
CA LEU A 126 2.08 27.42 -2.26
C LEU A 126 1.06 26.48 -1.63
N ILE A 127 1.29 26.08 -0.38
CA ILE A 127 0.23 25.37 0.34
C ILE A 127 -1.03 26.22 0.36
N SER A 128 -0.87 27.53 0.45
CA SER A 128 -2.01 28.43 0.46
C SER A 128 -2.86 28.29 -0.80
N GLN A 129 -2.29 27.79 -1.89
CA GLN A 129 -2.95 27.77 -3.19
C GLN A 129 -3.73 26.49 -3.48
N VAL A 130 -3.66 25.48 -2.60
CA VAL A 130 -4.25 24.16 -2.87
C VAL A 130 -5.42 23.96 -1.94
N GLU A 131 -6.60 23.66 -2.50
CA GLU A 131 -7.77 23.31 -1.71
C GLU A 131 -7.77 21.81 -1.43
N GLY A 132 -6.93 21.44 -0.46
CA GLY A 132 -6.72 20.06 -0.05
C GLY A 132 -5.89 20.03 1.21
N HIS A 133 -5.64 18.83 1.70
CA HIS A 133 -5.03 18.64 3.02
C HIS A 133 -3.62 18.08 2.86
N GLN A 134 -2.63 18.86 3.28
CA GLN A 134 -1.23 18.44 3.18
C GLN A 134 -0.97 17.34 4.19
N VAL A 135 -0.75 16.13 3.70
CA VAL A 135 -0.48 15.01 4.56
C VAL A 135 1.02 14.75 4.57
N SER A 136 1.47 14.05 5.61
CA SER A 136 2.84 13.56 5.66
C SER A 136 3.18 12.81 4.38
N LEU A 137 4.43 12.97 3.93
CA LEU A 137 4.85 12.15 2.80
C LEU A 137 4.76 10.66 3.12
N LYS A 138 4.73 10.32 4.42
CA LYS A 138 4.59 8.93 4.84
C LYS A 138 3.29 8.31 4.38
N ASN A 139 2.32 9.10 3.95
CA ASN A 139 1.06 8.54 3.47
C ASN A 139 1.09 8.23 1.98
N LEU A 140 2.22 8.48 1.32
CA LEU A 140 2.32 8.23 -0.12
C LEU A 140 2.00 6.80 -0.48
N PRO A 141 2.36 5.80 0.31
CA PRO A 141 1.93 4.43 -0.01
C PRO A 141 0.43 4.30 -0.19
N GLU A 142 -0.36 4.97 0.65
CA GLU A 142 -1.81 4.90 0.52
C GLU A 142 -2.30 5.40 -0.83
N ILE A 143 -1.56 6.33 -1.44
CA ILE A 143 -2.06 7.00 -2.64
C ILE A 143 -1.46 6.36 -3.87
N MET A 144 -0.23 5.85 -3.76
CA MET A 144 0.39 5.10 -4.86
C MET A 144 -0.42 3.85 -5.14
N ASN A 145 -0.70 3.62 -6.44
CA ASN A 145 -1.47 2.45 -6.92
C ASN A 145 -0.55 1.53 -7.72
N ILE A 146 -0.12 0.45 -7.07
CA ILE A 146 0.84 -0.45 -7.72
C ILE A 146 0.33 -0.89 -9.08
N THR A 147 -0.99 -1.06 -9.22
CA THR A 147 -1.51 -1.50 -10.50
C THR A 147 -1.17 -0.50 -11.59
N GLU A 148 -1.38 0.79 -11.31
CA GLU A 148 -1.13 1.81 -12.33
C GLU A 148 0.37 1.97 -12.60
N VAL A 149 1.20 1.86 -11.57
CA VAL A 149 2.64 1.85 -11.77
C VAL A 149 3.03 0.72 -12.72
N LYS A 150 2.65 -0.51 -12.38
CA LYS A 150 3.05 -1.63 -13.22
C LYS A 150 2.55 -1.44 -14.64
N LYS A 151 1.45 -0.70 -14.83
CA LYS A 151 0.92 -0.49 -16.17
C LYS A 151 1.67 0.61 -16.92
N ILE A 152 1.91 1.75 -16.27
CA ILE A 152 2.49 2.87 -17.02
C ILE A 152 3.98 2.68 -17.23
N TYR A 153 4.64 1.87 -16.43
CA TYR A 153 6.03 1.54 -16.70
C TYR A 153 6.18 0.25 -17.47
N LYS A 154 5.14 -0.58 -17.50
CA LYS A 154 5.15 -1.81 -18.27
C LYS A 154 6.20 -2.77 -17.71
N LEU A 155 6.10 -3.02 -16.40
CA LEU A 155 7.09 -3.79 -15.65
C LEU A 155 6.79 -5.27 -15.76
N SER A 156 7.91 -6.06 -16.01
CA SER A 156 7.75 -7.47 -16.34
C SER A 156 7.53 -8.32 -15.09
N SER A 157 7.13 -9.56 -15.33
CA SER A 157 7.39 -10.62 -14.35
C SER A 157 8.88 -10.84 -14.22
N GLN A 158 9.60 -10.79 -15.33
CA GLN A 158 11.04 -11.01 -15.30
C GLN A 158 11.74 -9.96 -14.45
N GLU A 159 11.28 -8.72 -14.49
CA GLU A 159 11.90 -7.66 -13.69
C GLU A 159 11.61 -7.85 -12.20
N GLU A 160 10.39 -8.29 -11.88
CA GLU A 160 10.01 -8.49 -10.48
C GLU A 160 10.78 -9.64 -9.85
N SER A 161 11.28 -10.58 -10.66
CA SER A 161 11.96 -11.76 -10.21
C SER A 161 13.38 -11.50 -9.70
N ILE A 162 13.94 -10.31 -9.93
CA ILE A 162 15.33 -10.07 -9.55
C ILE A 162 15.51 -8.73 -8.82
N GLY A 163 14.41 -8.08 -8.45
CA GLY A 163 14.52 -6.85 -7.68
C GLY A 163 13.17 -6.26 -7.36
N THR A 164 13.18 -5.01 -6.89
CA THR A 164 11.97 -4.28 -6.59
C THR A 164 11.39 -3.61 -7.84
N LEU A 165 10.14 -3.17 -7.72
CA LEU A 165 9.55 -2.31 -8.74
C LEU A 165 10.28 -0.97 -8.81
N LEU A 166 10.56 -0.37 -7.63
CA LEU A 166 11.41 0.83 -7.62
C LEU A 166 12.66 0.63 -8.48
N ASP A 167 13.31 -0.53 -8.34
CA ASP A 167 14.59 -0.75 -9.03
C ASP A 167 14.41 -0.75 -10.54
N ALA A 168 13.43 -1.50 -11.05
CA ALA A 168 13.11 -1.44 -12.47
C ALA A 168 12.71 -0.03 -12.90
N ILE A 169 11.93 0.67 -12.07
CA ILE A 169 11.56 2.03 -12.43
C ILE A 169 12.81 2.90 -12.58
N ILE A 170 13.72 2.84 -11.60
CA ILE A 170 14.90 3.70 -11.66
C ILE A 170 15.72 3.36 -12.89
N CYS A 171 15.82 2.07 -13.22
CA CYS A 171 16.67 1.63 -14.32
C CYS A 171 16.17 2.15 -15.65
N ARG A 172 14.85 2.19 -15.85
CA ARG A 172 14.29 2.79 -17.04
C ARG A 172 14.48 4.30 -17.05
N MET A 173 14.22 4.97 -15.92
CA MET A 173 14.39 6.41 -15.90
C MET A 173 15.82 6.80 -16.21
N SER A 174 16.77 6.08 -15.62
CA SER A 174 18.18 6.44 -15.69
C SER A 174 18.81 6.16 -17.06
N THR A 175 18.22 5.30 -17.88
CA THR A 175 18.82 4.94 -19.16
C THR A 175 17.97 5.28 -20.38
N LYS A 176 16.80 5.91 -20.22
CA LYS A 176 15.98 6.14 -21.41
C LYS A 176 16.66 7.09 -22.40
N ASP A 177 17.52 7.99 -21.93
CA ASP A 177 18.14 8.93 -22.86
C ASP A 177 19.15 8.27 -23.81
N VAL A 178 19.39 6.96 -23.71
CA VAL A 178 20.29 6.26 -24.61
C VAL A 178 19.62 5.07 -25.27
N LEU A 179 18.30 4.92 -25.11
CA LEU A 179 17.58 3.78 -25.63
C LEU A 179 16.43 4.25 -26.51
N PRO B 31 27.13 22.26 -26.52
CA PRO B 31 27.28 22.40 -25.07
C PRO B 31 28.27 23.49 -24.64
N GLU B 32 27.76 24.58 -24.07
CA GLU B 32 28.61 25.67 -23.59
C GLU B 32 29.85 25.14 -22.88
N ALA B 33 31.02 25.59 -23.34
CA ALA B 33 32.27 25.05 -22.81
C ALA B 33 32.37 25.27 -21.30
N GLU B 34 32.11 26.50 -20.85
CA GLU B 34 32.21 26.81 -19.43
C GLU B 34 31.26 25.91 -18.62
N ALA B 35 30.02 25.79 -19.08
CA ALA B 35 29.07 24.93 -18.39
C ALA B 35 29.58 23.49 -18.29
N LEU B 36 30.05 22.95 -19.40
CA LEU B 36 30.52 21.57 -19.41
C LEU B 36 31.69 21.39 -18.44
N ALA B 37 32.65 22.31 -18.47
CA ALA B 37 33.81 22.18 -17.59
C ALA B 37 33.37 22.24 -16.13
N ALA B 38 32.37 23.07 -15.83
CA ALA B 38 31.84 23.13 -14.47
C ALA B 38 31.24 21.80 -14.05
N ALA B 39 30.48 21.16 -14.94
CA ALA B 39 29.96 19.84 -14.62
C ALA B 39 31.10 18.86 -14.35
N ARG B 40 32.16 18.92 -15.14
CA ARG B 40 33.26 18.01 -14.92
C ARG B 40 33.93 18.24 -13.57
N GLU B 41 34.17 19.50 -13.20
CA GLU B 41 34.85 19.75 -11.94
C GLU B 41 33.91 19.53 -10.77
N ARG B 42 32.62 19.73 -10.97
CA ARG B 42 31.66 19.31 -9.95
C ARG B 42 31.71 17.80 -9.74
N SER B 43 31.74 17.02 -10.81
CA SER B 43 31.73 15.56 -10.66
C SER B 43 33.02 15.02 -10.03
N SER B 44 34.18 15.62 -10.31
CA SER B 44 35.39 15.12 -9.68
C SER B 44 35.49 15.57 -8.24
N ARG B 45 35.02 16.78 -7.93
CA ARG B 45 34.96 17.19 -6.54
C ARG B 45 34.17 16.17 -5.72
N PHE B 46 32.98 15.82 -6.19
CA PHE B 46 32.21 14.78 -5.54
C PHE B 46 32.98 13.47 -5.43
N LEU B 47 33.57 13.02 -6.56
CA LEU B 47 34.25 11.71 -6.58
C LEU B 47 35.43 11.68 -5.60
N SER B 48 36.24 12.73 -5.61
CA SER B 48 37.22 12.89 -4.56
C SER B 48 36.52 12.88 -3.20
N GLY B 49 37.17 12.31 -2.20
CA GLY B 49 36.48 12.20 -0.93
C GLY B 49 35.79 10.85 -0.77
N LEU B 50 35.28 10.33 -1.88
CA LEU B 50 34.73 8.99 -1.86
C LEU B 50 35.84 7.95 -1.62
N GLU B 51 35.41 6.79 -1.10
CA GLU B 51 36.28 5.61 -0.95
C GLU B 51 36.59 5.03 -2.34
N LEU B 52 37.87 5.08 -2.72
CA LEU B 52 38.28 4.39 -3.94
C LEU B 52 38.24 2.88 -3.74
N VAL B 53 37.54 2.20 -4.65
CA VAL B 53 37.39 0.75 -4.59
C VAL B 53 38.38 0.04 -5.51
N LYS B 54 38.55 0.56 -6.72
CA LYS B 54 39.46 -0.04 -7.68
C LYS B 54 39.93 1.04 -8.64
N GLN B 55 41.24 1.19 -8.76
CA GLN B 55 41.80 1.98 -9.83
C GLN B 55 42.24 0.98 -10.89
N GLY B 56 41.45 0.90 -11.96
CA GLY B 56 41.69 -0.03 -13.03
C GLY B 56 42.36 0.64 -14.23
N ALA B 57 42.44 -0.12 -15.31
CA ALA B 57 43.13 0.35 -16.52
C ALA B 57 42.43 1.54 -17.14
N GLU B 58 41.13 1.44 -17.38
CA GLU B 58 40.38 2.49 -18.07
C GLU B 58 39.46 3.29 -17.17
N ALA B 59 39.29 2.89 -15.91
CA ALA B 59 38.26 3.48 -15.07
C ALA B 59 38.62 3.35 -13.61
N ARG B 60 38.12 4.30 -12.82
CA ARG B 60 38.17 4.22 -11.36
C ARG B 60 36.80 3.84 -10.85
N VAL B 61 36.74 2.96 -9.86
CA VAL B 61 35.48 2.64 -9.20
C VAL B 61 35.52 3.19 -7.77
N PHE B 62 34.59 4.09 -7.44
CA PHE B 62 34.40 4.54 -6.07
C PHE B 62 33.09 4.00 -5.48
N ARG B 63 32.97 4.09 -4.16
CA ARG B 63 31.73 3.75 -3.49
C ARG B 63 31.30 4.88 -2.55
N GLY B 64 30.01 4.90 -2.25
CA GLY B 64 29.44 5.96 -1.43
C GLY B 64 27.93 5.83 -1.33
N ARG B 65 27.28 6.97 -1.16
CA ARG B 65 25.84 7.04 -1.09
C ARG B 65 25.36 7.98 -2.18
N PHE B 66 24.25 7.66 -2.85
CA PHE B 66 23.62 8.49 -3.87
C PHE B 66 22.18 8.63 -3.42
N GLN B 67 21.70 9.82 -3.06
CA GLN B 67 20.36 10.10 -2.50
C GLN B 67 19.91 9.00 -1.56
N GLY B 68 20.68 8.64 -0.58
CA GLY B 68 20.22 7.61 0.34
C GLY B 68 20.53 6.19 -0.06
N ARG B 69 20.99 5.85 -1.25
CA ARG B 69 21.30 4.45 -1.47
C ARG B 69 22.80 4.17 -1.61
N ALA B 70 23.18 2.98 -1.17
CA ALA B 70 24.55 2.51 -1.33
C ALA B 70 24.90 2.41 -2.83
N ALA B 71 25.99 3.06 -3.22
CA ALA B 71 26.25 3.24 -4.63
C ALA B 71 27.72 2.95 -4.96
N VAL B 72 27.93 2.57 -6.20
CA VAL B 72 29.26 2.47 -6.79
C VAL B 72 29.29 3.39 -8.00
N ILE B 73 30.37 4.14 -8.17
CA ILE B 73 30.48 5.07 -9.29
C ILE B 73 31.70 4.71 -10.11
N LYS B 74 31.47 4.36 -11.38
CA LYS B 74 32.52 4.02 -12.31
C LYS B 74 32.83 5.25 -13.14
N HIS B 75 34.03 5.80 -12.95
CA HIS B 75 34.49 6.97 -13.69
C HIS B 75 35.47 6.51 -14.77
N ARG B 76 35.09 6.67 -16.03
CA ARG B 76 36.01 6.39 -17.13
C ARG B 76 36.80 7.65 -17.41
N PHE B 77 37.91 7.81 -16.71
CA PHE B 77 38.67 9.06 -16.69
C PHE B 77 39.51 9.24 -17.95
N PRO B 78 39.72 10.48 -18.37
CA PRO B 78 40.61 10.70 -19.52
C PRO B 78 42.06 10.63 -19.09
N LYS B 79 42.87 9.95 -19.92
CA LYS B 79 44.26 9.70 -19.56
C LYS B 79 45.20 10.83 -19.97
N GLY B 80 44.81 11.67 -20.93
CA GLY B 80 45.68 12.71 -21.43
C GLY B 80 46.76 12.22 -22.38
N TYR B 81 46.93 10.90 -22.53
CA TYR B 81 47.96 10.33 -23.37
C TYR B 81 47.51 10.15 -24.82
N ARG B 82 46.45 10.85 -25.22
CA ARG B 82 45.91 10.68 -26.60
C ARG B 82 45.03 11.87 -26.98
N HIS B 83 44.71 11.95 -28.26
CA HIS B 83 43.81 12.93 -28.85
C HIS B 83 42.53 13.04 -28.02
N PRO B 84 42.32 14.15 -27.30
CA PRO B 84 41.18 14.23 -26.40
C PRO B 84 39.83 13.96 -27.07
N ALA B 85 39.74 14.14 -28.39
CA ALA B 85 38.52 13.76 -29.10
C ALA B 85 38.35 12.25 -29.10
N LEU B 86 39.37 11.52 -29.57
CA LEU B 86 39.38 10.06 -29.43
C LEU B 86 39.19 9.66 -27.97
N GLU B 87 39.84 10.36 -27.04
CA GLU B 87 39.76 9.98 -25.63
C GLU B 87 38.32 10.08 -25.11
N ALA B 88 37.65 11.20 -25.39
CA ALA B 88 36.29 11.38 -24.90
C ALA B 88 35.31 10.46 -25.61
N ARG B 89 35.51 10.25 -26.91
CA ARG B 89 34.68 9.30 -27.63
C ARG B 89 34.73 7.92 -26.98
N LEU B 90 35.92 7.50 -26.54
CA LEU B 90 36.07 6.15 -25.99
C LEU B 90 35.36 6.04 -24.64
N GLY B 91 35.64 6.97 -23.73
CA GLY B 91 34.91 6.99 -22.48
C GLY B 91 33.41 7.01 -22.68
N ARG B 92 32.94 7.78 -23.66
CA ARG B 92 31.50 7.90 -23.88
C ARG B 92 30.91 6.58 -24.33
N ARG B 93 31.53 5.96 -25.35
CA ARG B 93 31.01 4.71 -25.92
C ARG B 93 31.00 3.59 -24.88
N ARG B 94 32.07 3.45 -24.11
CA ARG B 94 32.04 2.48 -23.02
C ARG B 94 30.85 2.75 -22.10
N THR B 95 30.74 3.99 -21.60
CA THR B 95 29.66 4.32 -20.67
C THR B 95 28.29 4.04 -21.28
N VAL B 96 28.10 4.42 -22.55
CA VAL B 96 26.78 4.19 -23.17
C VAL B 96 26.53 2.70 -23.31
N GLN B 97 27.55 1.92 -23.72
CA GLN B 97 27.44 0.48 -23.83
C GLN B 97 27.00 -0.15 -22.52
N GLU B 98 27.66 0.23 -21.42
CA GLU B 98 27.32 -0.34 -20.12
C GLU B 98 25.92 0.07 -19.68
N ALA B 99 25.59 1.35 -19.81
CA ALA B 99 24.25 1.80 -19.42
C ALA B 99 23.19 1.00 -20.17
N ARG B 100 23.37 0.86 -21.49
CA ARG B 100 22.39 0.17 -22.33
C ARG B 100 22.26 -1.29 -21.94
N ALA B 101 23.39 -1.96 -21.70
CA ALA B 101 23.37 -3.35 -21.29
C ALA B 101 22.72 -3.53 -19.92
N LEU B 102 23.08 -2.70 -18.94
CA LEU B 102 22.49 -2.85 -17.61
C LEU B 102 20.96 -2.71 -17.67
N LEU B 103 20.44 -1.76 -18.46
CA LEU B 103 19.00 -1.69 -18.72
C LEU B 103 18.49 -3.00 -19.33
N ARG B 104 19.14 -3.49 -20.38
CA ARG B 104 18.68 -4.71 -21.06
C ARG B 104 18.73 -5.93 -20.16
N CYS B 105 19.72 -6.00 -19.27
CA CYS B 105 19.76 -7.07 -18.29
C CYS B 105 18.56 -7.03 -17.36
N ARG B 106 18.29 -5.86 -16.78
CA ARG B 106 17.20 -5.72 -15.83
C ARG B 106 15.88 -6.15 -16.46
N ARG B 107 15.57 -5.60 -17.64
CA ARG B 107 14.35 -5.95 -18.34
C ARG B 107 14.26 -7.45 -18.63
N ALA B 108 15.39 -8.11 -18.90
CA ALA B 108 15.39 -9.54 -19.25
C ALA B 108 15.59 -10.45 -18.06
N GLY B 109 15.46 -9.96 -16.83
CA GLY B 109 15.54 -10.84 -15.68
C GLY B 109 16.93 -11.34 -15.39
N ILE B 110 17.95 -10.59 -15.76
CA ILE B 110 19.32 -11.01 -15.59
C ILE B 110 19.90 -10.08 -14.55
N SER B 111 20.22 -10.66 -13.40
CA SER B 111 20.59 -9.87 -12.24
C SER B 111 21.92 -9.16 -12.50
N ALA B 112 21.88 -7.82 -12.46
CA ALA B 112 23.05 -6.96 -12.55
C ALA B 112 22.72 -5.68 -11.78
N PRO B 113 23.66 -4.76 -11.59
CA PRO B 113 23.36 -3.58 -10.76
C PRO B 113 22.34 -2.67 -11.42
N VAL B 114 21.45 -2.12 -10.60
CA VAL B 114 20.51 -1.10 -11.07
C VAL B 114 21.27 0.18 -11.39
N VAL B 115 20.91 0.83 -12.50
CA VAL B 115 21.53 2.08 -12.90
C VAL B 115 20.76 3.22 -12.27
N PHE B 116 21.45 4.05 -11.49
CA PHE B 116 20.85 5.23 -10.83
C PHE B 116 20.91 6.44 -11.74
N PHE B 117 22.07 6.73 -12.30
CA PHE B 117 22.33 7.97 -13.00
C PHE B 117 23.58 7.81 -13.83
N VAL B 118 23.56 8.30 -15.06
CA VAL B 118 24.74 8.26 -15.92
C VAL B 118 25.06 9.67 -16.34
N ASP B 119 26.23 10.14 -15.92
CA ASP B 119 26.68 11.50 -16.21
C ASP B 119 27.55 11.45 -17.46
N TYR B 120 27.03 11.96 -18.58
CA TYR B 120 27.78 11.81 -19.80
C TYR B 120 28.74 12.95 -20.04
N ALA B 121 28.63 14.03 -19.26
CA ALA B 121 29.63 15.08 -19.31
C ALA B 121 30.97 14.60 -18.77
N SER B 122 30.97 13.69 -17.78
CA SER B 122 32.20 13.19 -17.20
C SER B 122 32.43 11.70 -17.44
N ASN B 123 31.44 10.98 -17.98
CA ASN B 123 31.49 9.54 -18.14
C ASN B 123 31.56 8.83 -16.80
N CYS B 124 30.58 9.10 -15.92
CA CYS B 124 30.43 8.38 -14.67
C CYS B 124 29.11 7.63 -14.64
N LEU B 125 29.17 6.37 -14.25
CA LEU B 125 28.00 5.51 -14.10
C LEU B 125 27.77 5.35 -12.60
N TYR B 126 26.63 5.82 -12.13
CA TYR B 126 26.19 5.63 -10.76
C TYR B 126 25.28 4.41 -10.72
N MET B 127 25.65 3.41 -9.94
CA MET B 127 24.83 2.22 -9.84
C MET B 127 24.71 1.75 -8.39
N GLU B 128 23.69 0.94 -8.11
CA GLU B 128 23.57 0.28 -6.82
C GLU B 128 24.80 -0.56 -6.54
N GLU B 129 25.37 -0.37 -5.35
CA GLU B 129 26.42 -1.24 -4.85
C GLU B 129 25.80 -2.56 -4.42
N ILE B 130 26.42 -3.66 -4.87
CA ILE B 130 26.10 -5.00 -4.40
C ILE B 130 26.79 -5.15 -3.04
N GLU B 131 26.15 -4.63 -2.00
CA GLU B 131 26.75 -4.57 -0.68
C GLU B 131 27.26 -5.94 -0.22
N GLY B 132 28.50 -5.97 0.24
CA GLY B 132 29.05 -7.19 0.78
C GLY B 132 29.37 -8.27 -0.22
N SER B 133 29.32 -7.94 -1.50
CA SER B 133 29.58 -8.92 -2.55
C SER B 133 31.02 -9.43 -2.50
N VAL B 134 31.23 -10.62 -3.05
CA VAL B 134 32.55 -11.14 -3.34
C VAL B 134 32.59 -11.53 -4.80
N THR B 135 33.64 -11.13 -5.51
CA THR B 135 33.83 -11.59 -6.88
C THR B 135 33.90 -13.12 -6.92
N VAL B 136 33.51 -13.68 -8.06
CA VAL B 136 33.54 -15.14 -8.21
C VAL B 136 34.98 -15.63 -8.23
N ARG B 137 35.92 -14.80 -8.67
CA ARG B 137 37.33 -15.20 -8.63
C ARG B 137 37.78 -15.46 -7.21
N ASP B 138 37.48 -14.54 -6.30
CA ASP B 138 37.94 -14.69 -4.94
C ASP B 138 37.30 -15.89 -4.26
N TYR B 139 36.01 -16.11 -4.50
CA TYR B 139 35.38 -17.32 -4.00
C TYR B 139 36.08 -18.58 -4.53
N ILE B 140 36.54 -18.55 -5.78
CA ILE B 140 37.16 -19.75 -6.34
C ILE B 140 38.52 -20.00 -5.69
N GLN B 141 39.37 -18.97 -5.64
CA GLN B 141 40.69 -19.12 -5.03
C GLN B 141 40.57 -19.50 -3.55
N SER B 142 39.65 -18.89 -2.81
CA SER B 142 39.49 -19.25 -1.41
C SER B 142 38.85 -20.63 -1.24
N THR B 143 38.08 -21.10 -2.21
CA THR B 143 37.51 -22.43 -2.09
C THR B 143 38.47 -23.53 -2.53
N MET B 144 39.48 -23.21 -3.33
CA MET B 144 40.44 -24.23 -3.69
C MET B 144 41.67 -24.24 -2.79
N GLU B 145 41.82 -23.25 -1.89
CA GLU B 145 42.85 -23.38 -0.88
C GLU B 145 42.40 -24.15 0.36
N THR B 146 41.11 -24.12 0.71
CA THR B 146 40.67 -24.97 1.82
C THR B 146 40.21 -26.36 1.37
N GLU B 147 39.47 -26.48 0.26
CA GLU B 147 39.00 -27.79 -0.18
C GLU B 147 40.15 -28.64 -0.74
N LYS B 148 41.09 -28.02 -1.46
CA LYS B 148 42.17 -28.71 -2.17
C LYS B 148 41.66 -29.50 -3.36
N THR B 149 40.48 -29.14 -3.84
CA THR B 149 39.75 -29.88 -4.85
C THR B 149 38.78 -28.91 -5.50
N PRO B 150 38.56 -29.02 -6.81
CA PRO B 150 37.54 -28.19 -7.45
C PRO B 150 36.13 -28.76 -7.36
N GLN B 151 35.97 -30.01 -6.91
CA GLN B 151 34.65 -30.63 -6.92
C GLN B 151 33.65 -29.92 -6.01
N GLY B 152 34.11 -29.16 -5.01
CA GLY B 152 33.13 -28.41 -4.26
C GLY B 152 32.52 -27.25 -5.00
N LEU B 153 33.05 -26.92 -6.18
CA LEU B 153 32.63 -25.78 -6.97
C LEU B 153 31.51 -26.12 -7.95
N SER B 154 31.10 -27.38 -8.06
CA SER B 154 30.22 -27.75 -9.16
C SER B 154 28.92 -26.97 -9.10
N ASN B 155 28.38 -26.75 -7.89
CA ASN B 155 27.12 -26.01 -7.75
C ASN B 155 27.26 -24.57 -8.24
N LEU B 156 28.39 -23.92 -7.93
CA LEU B 156 28.72 -22.64 -8.54
C LEU B 156 28.66 -22.74 -10.05
N ALA B 157 29.39 -23.71 -10.62
CA ALA B 157 29.43 -23.93 -12.06
C ALA B 157 28.03 -24.02 -12.66
N LYS B 158 27.17 -24.85 -12.07
CA LYS B 158 25.84 -25.02 -12.61
C LYS B 158 25.10 -23.69 -12.65
N THR B 159 25.14 -22.93 -11.56
CA THR B 159 24.40 -21.68 -11.49
C THR B 159 24.86 -20.71 -12.57
N ILE B 160 26.18 -20.58 -12.73
CA ILE B 160 26.72 -19.68 -13.76
C ILE B 160 26.24 -20.12 -15.15
N GLY B 161 26.15 -21.44 -15.39
CA GLY B 161 25.58 -21.90 -16.63
C GLY B 161 24.17 -21.39 -16.85
N GLN B 162 23.37 -21.35 -15.78
CA GLN B 162 22.01 -20.83 -15.89
C GLN B 162 22.02 -19.35 -16.21
N VAL B 163 22.88 -18.59 -15.53
CA VAL B 163 22.86 -17.14 -15.70
C VAL B 163 23.28 -16.77 -17.11
N LEU B 164 24.45 -17.22 -17.54
CA LEU B 164 24.91 -16.92 -18.89
C LEU B 164 23.98 -17.51 -19.93
N ALA B 165 23.33 -18.63 -19.62
CA ALA B 165 22.38 -19.20 -20.55
C ALA B 165 21.27 -18.19 -20.89
N ARG B 166 20.55 -17.74 -19.88
CA ARG B 166 19.46 -16.77 -19.99
C ARG B 166 20.00 -15.51 -20.62
N MET B 167 21.18 -15.08 -20.26
CA MET B 167 21.77 -13.88 -20.84
C MET B 167 21.92 -14.05 -22.35
N HIS B 168 22.58 -15.13 -22.75
CA HIS B 168 22.76 -15.39 -24.18
C HIS B 168 21.43 -15.59 -24.90
N ASP B 169 20.44 -16.19 -24.24
CA ASP B 169 19.16 -16.45 -24.90
C ASP B 169 18.37 -15.19 -25.22
N GLU B 170 18.62 -14.06 -24.55
CA GLU B 170 18.05 -12.78 -24.95
C GLU B 170 18.98 -12.04 -25.89
N ASP B 171 20.07 -12.67 -26.32
CA ASP B 171 20.98 -12.18 -27.35
C ASP B 171 21.90 -11.08 -26.83
N LEU B 172 22.28 -11.15 -25.56
CA LEU B 172 23.22 -10.21 -24.96
C LEU B 172 24.58 -10.87 -24.84
N ILE B 173 25.60 -10.23 -25.39
CA ILE B 173 26.97 -10.67 -25.28
C ILE B 173 27.64 -9.82 -24.21
N HIS B 174 28.29 -10.46 -23.25
CA HIS B 174 28.88 -9.69 -22.16
C HIS B 174 30.07 -8.88 -22.66
N GLY B 175 30.95 -9.53 -23.41
CA GLY B 175 32.09 -8.85 -23.97
C GLY B 175 33.35 -8.98 -23.16
N ASP B 176 33.27 -9.41 -21.91
CA ASP B 176 34.47 -9.60 -21.09
C ASP B 176 34.21 -10.59 -19.94
N LEU B 177 33.55 -11.71 -20.24
CA LEU B 177 33.23 -12.67 -19.20
C LEU B 177 34.49 -13.14 -18.48
N THR B 178 34.67 -12.70 -17.25
CA THR B 178 35.73 -13.17 -16.39
C THR B 178 35.12 -13.47 -15.02
N THR B 179 35.93 -14.05 -14.14
CA THR B 179 35.48 -14.36 -12.80
C THR B 179 35.52 -13.15 -11.88
N SER B 180 36.24 -12.08 -12.27
CA SER B 180 36.24 -10.81 -11.58
C SER B 180 35.03 -9.96 -11.94
N ASN B 181 34.35 -10.29 -13.04
CA ASN B 181 33.17 -9.57 -13.47
C ASN B 181 31.89 -10.32 -13.11
N MET B 182 31.97 -11.21 -12.12
CA MET B 182 30.80 -11.79 -11.49
C MET B 182 30.94 -11.62 -9.98
N LEU B 183 29.88 -11.15 -9.34
CA LEU B 183 29.84 -11.02 -7.90
C LEU B 183 28.90 -12.08 -7.33
N LEU B 184 29.10 -12.37 -6.05
CA LEU B 184 28.22 -13.27 -5.32
C LEU B 184 27.57 -12.46 -4.19
N LYS B 185 26.25 -12.35 -4.25
CA LYS B 185 25.51 -11.48 -3.34
C LYS B 185 25.26 -12.20 -2.01
N PRO B 186 25.67 -11.61 -0.88
CA PRO B 186 25.37 -12.21 0.42
C PRO B 186 23.90 -12.55 0.55
N PRO B 187 23.64 -13.64 1.10
CA PRO B 187 24.48 -14.71 1.70
C PRO B 187 25.28 -15.56 0.69
N LEU B 188 26.60 -15.49 0.81
CA LEU B 188 27.48 -16.03 -0.22
C LEU B 188 27.11 -17.44 -0.65
N GLU B 189 26.68 -18.27 0.29
CA GLU B 189 26.53 -19.68 -0.05
C GLU B 189 25.28 -19.97 -0.89
N GLN B 190 24.35 -19.04 -1.03
CA GLN B 190 23.21 -19.31 -1.89
C GLN B 190 23.54 -19.23 -3.36
N LEU B 191 24.72 -18.70 -3.71
CA LEU B 191 25.16 -18.62 -5.10
C LEU B 191 24.22 -17.73 -5.91
N ASN B 192 24.13 -16.48 -5.45
CA ASN B 192 23.40 -15.41 -6.11
C ASN B 192 24.43 -14.60 -6.89
N ILE B 193 24.37 -14.74 -8.22
CA ILE B 193 25.36 -14.15 -9.11
C ILE B 193 24.82 -12.87 -9.72
N VAL B 194 25.67 -11.85 -9.72
CA VAL B 194 25.41 -10.55 -10.29
C VAL B 194 26.56 -10.29 -11.27
N LEU B 195 26.22 -10.09 -12.54
CA LEU B 195 27.19 -9.72 -13.56
C LEU B 195 27.47 -8.23 -13.49
N ILE B 196 28.71 -7.86 -13.83
CA ILE B 196 29.14 -6.47 -13.83
C ILE B 196 30.17 -6.28 -14.96
N ASP B 197 30.61 -5.03 -15.12
CA ASP B 197 31.50 -4.61 -16.21
C ASP B 197 30.93 -4.93 -17.60
N PHE B 198 30.03 -4.08 -18.09
CA PHE B 198 29.40 -4.25 -19.41
C PHE B 198 29.87 -3.20 -20.42
N GLY B 199 30.96 -2.48 -20.15
CA GLY B 199 31.49 -1.54 -21.12
C GLY B 199 31.70 -2.09 -22.54
N LEU B 200 31.82 -3.39 -22.71
CA LEU B 200 32.06 -3.99 -24.03
C LEU B 200 30.92 -4.91 -24.46
N SER B 201 29.74 -4.72 -23.87
CA SER B 201 28.58 -5.54 -24.16
C SER B 201 27.85 -5.07 -25.43
N PHE B 202 27.02 -5.96 -25.96
CA PHE B 202 26.38 -5.70 -27.23
C PHE B 202 25.37 -6.81 -27.51
N ILE B 203 24.56 -6.60 -28.54
CA ILE B 203 23.48 -7.51 -28.89
C ILE B 203 23.89 -8.31 -30.13
N SER B 204 23.61 -9.62 -30.09
CA SER B 204 23.93 -10.49 -31.20
C SER B 204 23.26 -11.84 -31.01
N ALA B 205 22.60 -12.33 -32.05
CA ALA B 205 22.15 -13.70 -32.11
C ALA B 205 23.19 -14.62 -32.72
N LEU B 206 24.31 -14.07 -33.18
CA LEU B 206 25.35 -14.88 -33.81
C LEU B 206 25.89 -15.95 -32.87
N PRO B 207 25.66 -17.24 -33.13
CA PRO B 207 26.29 -18.25 -32.27
C PRO B 207 27.80 -18.07 -32.16
N GLU B 208 28.48 -17.60 -33.21
CA GLU B 208 29.92 -17.38 -33.10
C GLU B 208 30.22 -16.32 -32.03
N ASP B 209 29.42 -15.25 -31.98
CA ASP B 209 29.64 -14.21 -30.97
C ASP B 209 29.43 -14.75 -29.56
N LYS B 210 28.43 -15.63 -29.39
CA LYS B 210 28.19 -16.25 -28.10
C LYS B 210 29.32 -17.20 -27.71
N GLY B 211 29.81 -17.99 -28.66
CA GLY B 211 30.94 -18.86 -28.34
C GLY B 211 32.20 -18.10 -28.04
N VAL B 212 32.46 -17.03 -28.79
CA VAL B 212 33.55 -16.13 -28.43
C VAL B 212 33.38 -15.62 -27.00
N ASP B 213 32.15 -15.23 -26.63
CA ASP B 213 31.89 -14.82 -25.25
C ASP B 213 32.31 -15.90 -24.27
N LEU B 214 31.90 -17.15 -24.53
CA LEU B 214 32.28 -18.28 -23.67
C LEU B 214 33.78 -18.55 -23.73
N TYR B 215 34.41 -18.35 -24.89
CA TYR B 215 35.83 -18.65 -25.00
C TYR B 215 36.66 -17.65 -24.19
N VAL B 216 36.26 -16.39 -24.20
CA VAL B 216 36.86 -15.41 -23.31
C VAL B 216 36.77 -15.86 -21.86
N LEU B 217 35.63 -16.46 -21.49
CA LEU B 217 35.50 -16.94 -20.11
C LEU B 217 36.45 -18.10 -19.86
N GLU B 218 36.47 -19.07 -20.78
CA GLU B 218 37.37 -20.22 -20.62
C GLU B 218 38.83 -19.77 -20.50
N LYS B 219 39.28 -18.88 -21.38
CA LYS B 219 40.61 -18.35 -21.20
C LYS B 219 40.78 -17.74 -19.82
N ALA B 220 39.81 -16.92 -19.39
CA ALA B 220 39.89 -16.31 -18.07
C ALA B 220 40.12 -17.38 -17.00
N PHE B 221 39.28 -18.40 -16.98
CA PHE B 221 39.47 -19.53 -16.06
C PHE B 221 40.89 -20.09 -16.17
N LEU B 222 41.34 -20.36 -17.39
CA LEU B 222 42.62 -21.04 -17.58
C LEU B 222 43.73 -20.31 -16.85
N SER B 223 43.83 -18.99 -17.00
CA SER B 223 44.97 -18.30 -16.44
C SER B 223 44.63 -17.48 -15.19
N THR B 224 43.52 -17.79 -14.53
CA THR B 224 43.28 -17.24 -13.20
C THR B 224 43.19 -18.33 -12.15
N HIS B 225 42.47 -19.41 -12.45
CA HIS B 225 42.20 -20.49 -11.49
C HIS B 225 42.74 -21.80 -12.04
N PRO B 226 44.01 -22.12 -11.80
CA PRO B 226 44.60 -23.32 -12.39
C PRO B 226 43.93 -24.59 -11.86
N ASN B 227 43.83 -25.58 -12.74
CA ASN B 227 43.24 -26.87 -12.42
C ASN B 227 41.74 -26.75 -12.14
N THR B 228 41.08 -25.86 -12.89
CA THR B 228 39.63 -25.68 -12.82
C THR B 228 38.94 -26.15 -14.10
N GLU B 229 39.64 -26.90 -14.96
CA GLU B 229 39.06 -27.36 -16.21
C GLU B 229 37.81 -28.19 -15.96
N THR B 230 37.84 -29.00 -14.91
CA THR B 230 36.62 -29.72 -14.53
C THR B 230 35.46 -28.76 -14.35
N VAL B 231 35.74 -27.57 -13.80
CA VAL B 231 34.68 -26.65 -13.45
C VAL B 231 34.11 -25.95 -14.67
N PHE B 232 34.96 -25.57 -15.62
CA PHE B 232 34.46 -24.99 -16.87
C PHE B 232 33.56 -25.98 -17.60
N GLU B 233 33.99 -27.24 -17.70
CA GLU B 233 33.12 -28.23 -18.34
C GLU B 233 31.81 -28.38 -17.60
N ALA B 234 31.83 -28.23 -16.27
CA ALA B 234 30.60 -28.34 -15.50
C ALA B 234 29.65 -27.19 -15.85
N PHE B 235 30.19 -25.96 -15.93
CA PHE B 235 29.41 -24.83 -16.41
C PHE B 235 28.89 -25.10 -17.83
N LEU B 236 29.75 -25.64 -18.71
CA LEU B 236 29.33 -25.88 -20.09
C LEU B 236 28.15 -26.86 -20.14
N LYS B 237 28.22 -27.95 -19.37
CA LYS B 237 27.09 -28.88 -19.35
C LYS B 237 25.82 -28.18 -18.90
N SER B 238 25.87 -27.38 -17.84
CA SER B 238 24.66 -26.73 -17.38
C SER B 238 24.19 -25.65 -18.36
N TYR B 239 25.14 -24.96 -18.98
CA TYR B 239 24.78 -24.04 -20.05
C TYR B 239 24.01 -24.77 -21.16
N SER B 240 24.57 -25.89 -21.65
CA SER B 240 23.92 -26.69 -22.67
C SER B 240 22.48 -27.04 -22.30
N THR B 241 22.27 -27.39 -21.04
CA THR B 241 20.96 -27.80 -20.55
C THR B 241 19.98 -26.63 -20.38
N SER B 242 20.42 -25.47 -19.94
CA SER B 242 19.49 -24.39 -19.66
C SER B 242 19.29 -23.44 -20.83
N SER B 243 20.04 -23.61 -21.91
CA SER B 243 19.84 -22.82 -23.13
C SER B 243 19.46 -23.77 -24.26
N LYS B 244 18.31 -23.53 -24.86
CA LYS B 244 17.88 -24.33 -26.00
C LYS B 244 18.38 -23.75 -27.33
N LYS B 245 19.15 -22.66 -27.29
CA LYS B 245 19.94 -22.21 -28.43
C LYS B 245 21.42 -22.55 -28.26
N ALA B 246 21.72 -23.61 -27.50
CA ALA B 246 23.11 -23.85 -27.11
C ALA B 246 23.90 -24.62 -28.17
N ARG B 247 23.28 -25.61 -28.84
CA ARG B 247 24.04 -26.49 -29.71
C ARG B 247 24.87 -25.76 -30.75
N PRO B 248 24.32 -24.79 -31.50
CA PRO B 248 25.18 -24.01 -32.39
C PRO B 248 26.27 -23.25 -31.65
N VAL B 249 25.97 -22.74 -30.44
CA VAL B 249 26.95 -21.95 -29.69
C VAL B 249 28.15 -22.82 -29.36
N LEU B 250 27.90 -24.03 -28.85
CA LEU B 250 29.01 -24.89 -28.44
C LEU B 250 29.81 -25.40 -29.65
N LYS B 251 29.14 -25.62 -30.79
CA LYS B 251 29.91 -26.00 -31.98
C LYS B 251 30.82 -24.86 -32.40
N LYS B 252 30.31 -23.63 -32.34
CA LYS B 252 31.16 -22.50 -32.69
C LYS B 252 32.26 -22.31 -31.67
N LEU B 253 31.99 -22.62 -30.41
CA LEU B 253 33.04 -22.53 -29.39
C LEU B 253 34.18 -23.50 -29.70
N ASP B 254 33.84 -24.72 -30.13
CA ASP B 254 34.88 -25.63 -30.61
C ASP B 254 35.64 -25.03 -31.78
N GLU B 255 34.92 -24.44 -32.73
CA GLU B 255 35.59 -23.69 -33.80
C GLU B 255 36.54 -22.65 -33.24
N VAL B 256 36.07 -21.83 -32.29
CA VAL B 256 36.90 -20.76 -31.75
C VAL B 256 38.12 -21.32 -31.03
N ARG B 257 37.92 -22.34 -30.20
CA ARG B 257 39.05 -23.01 -29.56
C ARG B 257 40.10 -23.40 -30.57
N LEU B 258 39.67 -23.98 -31.71
CA LEU B 258 40.61 -24.42 -32.73
C LEU B 258 41.25 -23.23 -33.42
N ARG B 259 40.44 -22.37 -34.02
CA ARG B 259 40.98 -21.18 -34.67
C ARG B 259 41.71 -20.28 -33.68
N GLY B 260 41.37 -20.37 -32.39
CA GLY B 260 41.90 -19.45 -31.41
C GLY B 260 41.35 -18.06 -31.50
N ARG B 261 40.24 -17.86 -32.21
CA ARG B 261 39.63 -16.54 -32.44
C ARG B 261 38.37 -16.65 -33.28
N MET C 5 5.52 -17.48 9.07
CA MET C 5 4.86 -18.26 10.10
C MET C 5 3.35 -18.02 10.10
N GLN C 6 2.64 -18.83 10.88
CA GLN C 6 1.19 -18.76 10.97
C GLN C 6 0.75 -17.70 11.96
N LEU C 7 -0.43 -17.14 11.70
CA LEU C 7 -1.15 -16.29 12.64
C LEU C 7 -2.48 -16.95 12.97
N THR C 8 -2.80 -17.05 14.25
CA THR C 8 -3.99 -17.77 14.69
C THR C 8 -4.73 -17.00 15.78
N HIS C 9 -6.05 -17.03 15.74
CA HIS C 9 -6.90 -16.39 16.74
C HIS C 9 -8.11 -17.26 17.06
N GLN C 10 -8.47 -17.29 18.33
CA GLN C 10 -9.65 -18.02 18.74
C GLN C 10 -10.87 -17.12 18.59
N LEU C 11 -12.02 -17.73 18.29
CA LEU C 11 -13.26 -16.98 18.15
C LEU C 11 -13.97 -16.82 19.49
N ASP C 12 -14.13 -15.55 19.93
CA ASP C 12 -14.73 -15.26 21.24
C ASP C 12 -16.16 -15.80 21.43
N LEU C 13 -16.99 -15.75 20.40
CA LEU C 13 -18.36 -16.25 20.50
C LEU C 13 -18.46 -17.74 20.22
N PHE C 14 -17.42 -18.32 19.66
CA PHE C 14 -17.34 -19.75 19.39
C PHE C 14 -15.95 -20.15 19.81
N PRO C 15 -15.67 -20.11 21.12
CA PRO C 15 -14.28 -20.24 21.59
C PRO C 15 -13.64 -21.58 21.23
N GLU C 16 -14.44 -22.60 20.95
CA GLU C 16 -13.93 -23.87 20.45
C GLU C 16 -13.54 -23.81 18.95
N CYS C 17 -13.30 -22.63 18.37
CA CYS C 17 -13.00 -22.45 16.96
C CYS C 17 -11.72 -21.65 16.82
N ARG C 18 -10.67 -22.26 16.28
CA ARG C 18 -9.45 -21.53 16.00
C ARG C 18 -9.40 -21.17 14.51
N VAL C 19 -8.94 -19.95 14.24
CA VAL C 19 -8.86 -19.41 12.88
C VAL C 19 -7.38 -19.30 12.57
N THR C 20 -6.96 -19.86 11.45
CA THR C 20 -5.57 -19.82 11.04
C THR C 20 -5.45 -19.03 9.76
N LEU C 21 -4.52 -18.08 9.74
CA LEU C 21 -4.23 -17.29 8.54
C LEU C 21 -2.82 -17.60 8.07
N LEU C 22 -2.68 -17.92 6.77
CA LEU C 22 -1.40 -18.19 6.13
C LEU C 22 -1.24 -17.29 4.92
N LEU C 23 -0.08 -16.66 4.78
CA LEU C 23 0.19 -15.73 3.69
C LEU C 23 1.34 -16.22 2.83
N PHE C 24 1.20 -16.07 1.51
CA PHE C 24 2.19 -16.54 0.54
C PHE C 24 2.42 -15.48 -0.52
N LYS C 25 3.69 -15.24 -0.84
CA LYS C 25 4.10 -14.46 -1.99
C LYS C 25 4.82 -15.36 -2.99
N ASP C 26 5.00 -14.85 -4.21
CA ASP C 26 5.75 -15.57 -5.24
C ASP C 26 5.04 -16.87 -5.64
N VAL C 27 3.72 -16.90 -5.55
CA VAL C 27 2.96 -18.13 -5.78
C VAL C 27 2.84 -18.39 -7.28
N LYS C 28 3.30 -19.57 -7.72
CA LYS C 28 3.31 -19.90 -9.13
C LYS C 28 2.07 -20.66 -9.60
N ASN C 29 1.43 -21.44 -8.74
CA ASN C 29 0.32 -22.31 -9.15
C ASN C 29 -1.05 -21.74 -8.77
N ALA C 30 -1.22 -20.43 -8.83
CA ALA C 30 -2.46 -19.82 -8.35
C ALA C 30 -3.68 -20.49 -8.97
N GLY C 31 -3.64 -20.67 -10.29
CA GLY C 31 -4.72 -21.33 -11.05
C GLY C 31 -5.01 -22.73 -10.55
N ASP C 32 -3.98 -23.45 -10.12
CA ASP C 32 -4.11 -24.84 -9.60
C ASP C 32 -4.81 -24.79 -8.22
N LEU C 33 -4.29 -24.01 -7.26
CA LEU C 33 -4.91 -23.89 -5.95
C LEU C 33 -6.37 -23.44 -6.08
N ARG C 34 -6.64 -22.52 -6.99
CA ARG C 34 -8.02 -22.10 -7.22
C ARG C 34 -8.90 -23.26 -7.66
N ARG C 35 -8.40 -24.10 -8.58
CA ARG C 35 -9.17 -25.27 -9.00
C ARG C 35 -9.38 -26.24 -7.85
N LYS C 36 -8.33 -26.53 -7.08
CA LYS C 36 -8.47 -27.40 -5.91
C LYS C 36 -9.50 -26.84 -4.93
N ALA C 37 -9.51 -25.52 -4.74
CA ALA C 37 -10.48 -24.94 -3.81
C ALA C 37 -11.90 -25.15 -4.34
N MET C 38 -12.13 -24.86 -5.62
CA MET C 38 -13.43 -25.14 -6.22
C MET C 38 -13.78 -26.62 -6.12
N GLU C 39 -12.84 -27.48 -6.49
CA GLU C 39 -13.08 -28.91 -6.47
C GLU C 39 -13.29 -29.47 -5.06
N GLY C 40 -13.02 -28.71 -4.00
CA GLY C 40 -13.11 -29.33 -2.69
C GLY C 40 -11.91 -30.16 -2.30
N THR C 41 -10.83 -30.08 -3.09
CA THR C 41 -9.64 -30.85 -2.85
C THR C 41 -8.57 -30.08 -2.07
N ILE C 42 -8.85 -28.87 -1.63
CA ILE C 42 -7.97 -28.13 -0.72
C ILE C 42 -8.84 -27.48 0.35
N ASP C 43 -8.34 -27.49 1.58
CA ASP C 43 -9.06 -26.88 2.68
C ASP C 43 -8.95 -25.37 2.60
N GLY C 44 -9.95 -24.69 3.17
CA GLY C 44 -9.81 -23.29 3.51
C GLY C 44 -10.21 -22.31 2.43
N SER C 45 -10.06 -21.05 2.79
CA SER C 45 -10.49 -19.95 1.94
C SER C 45 -9.28 -19.34 1.28
N LEU C 46 -9.30 -19.32 -0.04
CA LEU C 46 -8.24 -18.69 -0.83
C LEU C 46 -8.61 -17.23 -1.05
N ILE C 47 -7.93 -16.34 -0.34
CA ILE C 47 -8.32 -14.95 -0.24
C ILE C 47 -7.24 -14.08 -0.89
N ASN C 48 -7.67 -13.10 -1.67
CA ASN C 48 -6.83 -12.11 -2.33
C ASN C 48 -6.28 -11.14 -1.29
N PRO C 49 -5.00 -11.24 -0.92
CA PRO C 49 -4.49 -10.43 0.19
C PRO C 49 -4.32 -8.95 -0.14
N THR C 50 -4.42 -8.56 -1.42
CA THR C 50 -4.33 -7.14 -1.81
C THR C 50 -5.55 -6.31 -1.36
N VAL C 51 -6.59 -6.93 -0.82
CA VAL C 51 -7.76 -6.20 -0.35
C VAL C 51 -8.06 -6.53 1.11
N ILE C 52 -7.02 -6.87 1.87
CA ILE C 52 -7.15 -7.19 3.29
C ILE C 52 -6.20 -6.26 4.04
N VAL C 53 -6.76 -5.31 4.82
CA VAL C 53 -5.95 -4.33 5.52
C VAL C 53 -5.66 -4.71 6.96
N ASP C 54 -6.28 -5.79 7.47
CA ASP C 54 -6.06 -6.20 8.85
C ASP C 54 -6.65 -7.59 9.11
N PRO C 55 -6.02 -8.39 9.98
CA PRO C 55 -6.63 -9.69 10.36
C PRO C 55 -7.97 -9.54 11.03
N PHE C 56 -8.26 -8.40 11.66
CA PHE C 56 -9.57 -8.19 12.26
C PHE C 56 -10.66 -8.25 11.20
N GLN C 57 -10.35 -7.74 10.00
CA GLN C 57 -11.26 -7.89 8.87
C GLN C 57 -11.59 -9.36 8.61
N ILE C 58 -10.56 -10.21 8.55
CA ILE C 58 -10.76 -11.66 8.38
C ILE C 58 -11.55 -12.23 9.55
N LEU C 59 -11.22 -11.82 10.79
CA LEU C 59 -11.86 -12.39 11.96
C LEU C 59 -13.37 -12.08 12.03
N VAL C 60 -13.77 -10.86 11.63
CA VAL C 60 -15.20 -10.51 11.60
C VAL C 60 -15.95 -11.36 10.56
N ALA C 61 -15.41 -11.44 9.35
CA ALA C 61 -15.98 -12.34 8.33
C ALA C 61 -16.02 -13.78 8.85
N ALA C 62 -14.99 -14.20 9.58
CA ALA C 62 -14.97 -15.58 10.04
C ALA C 62 -16.03 -15.83 11.10
N ASN C 63 -16.14 -14.92 12.08
CA ASN C 63 -17.16 -15.08 13.13
C ASN C 63 -18.54 -15.17 12.52
N LYS C 64 -18.88 -14.30 11.55
CA LYS C 64 -20.22 -14.32 10.97
C LYS C 64 -20.46 -15.58 10.14
N ALA C 65 -19.43 -16.07 9.45
CA ALA C 65 -19.57 -17.32 8.69
C ALA C 65 -19.85 -18.51 9.63
N VAL C 66 -19.11 -18.59 10.75
CA VAL C 66 -19.35 -19.65 11.74
C VAL C 66 -20.77 -19.52 12.30
N HIS C 67 -21.15 -18.31 12.72
CA HIS C 67 -22.49 -18.08 13.25
C HIS C 67 -23.56 -18.67 12.35
N LEU C 68 -23.51 -18.35 11.05
CA LEU C 68 -24.57 -18.77 10.14
C LEU C 68 -24.43 -20.23 9.77
N TYR C 69 -23.19 -20.73 9.70
CA TYR C 69 -23.00 -22.16 9.56
C TYR C 69 -23.73 -22.91 10.66
N LYS C 70 -23.40 -22.61 11.92
CA LYS C 70 -24.06 -23.27 13.03
C LYS C 70 -25.57 -23.04 13.05
N LEU C 71 -26.06 -21.99 12.41
CA LEU C 71 -27.50 -21.75 12.31
C LEU C 71 -28.14 -22.37 11.08
N GLY C 72 -27.36 -22.90 10.15
CA GLY C 72 -27.91 -23.48 8.95
C GLY C 72 -28.43 -22.48 7.93
N LYS C 73 -28.11 -21.20 8.10
CA LYS C 73 -28.66 -20.13 7.26
C LYS C 73 -27.57 -19.41 6.48
N MET C 74 -26.51 -20.12 6.10
CA MET C 74 -25.46 -19.52 5.29
C MET C 74 -26.01 -19.07 3.94
N LYS C 75 -25.42 -17.99 3.39
CA LYS C 75 -25.81 -17.51 2.07
C LYS C 75 -25.10 -18.23 0.95
N THR C 76 -23.89 -18.75 1.18
CA THR C 76 -23.20 -19.57 0.20
C THR C 76 -23.24 -21.04 0.63
N ARG C 77 -22.57 -21.88 -0.16
CA ARG C 77 -22.67 -23.33 -0.02
C ARG C 77 -21.81 -23.90 1.09
N THR C 78 -20.67 -23.29 1.40
CA THR C 78 -19.74 -23.83 2.38
C THR C 78 -19.20 -22.72 3.26
N LEU C 79 -18.77 -23.10 4.46
CA LEU C 79 -18.05 -22.17 5.31
C LEU C 79 -16.94 -21.44 4.55
N SER C 80 -16.23 -22.14 3.65
CA SER C 80 -15.05 -21.57 2.99
C SER C 80 -15.43 -20.50 1.96
N THR C 81 -16.58 -20.60 1.31
CA THR C 81 -17.05 -19.48 0.49
C THR C 81 -17.77 -18.42 1.34
N GLU C 82 -18.43 -18.83 2.42
CA GLU C 82 -19.10 -17.84 3.25
C GLU C 82 -18.09 -16.89 3.89
N ILE C 83 -16.91 -17.37 4.18
CA ILE C 83 -15.91 -16.45 4.75
C ILE C 83 -15.54 -15.43 3.68
N ILE C 84 -15.35 -15.86 2.45
CA ILE C 84 -14.95 -14.92 1.41
C ILE C 84 -16.09 -13.96 1.07
N PHE C 85 -17.30 -14.50 0.92
CA PHE C 85 -18.45 -13.65 0.65
C PHE C 85 -18.59 -12.55 1.69
N ASN C 86 -18.40 -12.88 2.98
CA ASN C 86 -18.63 -11.89 4.03
C ASN C 86 -17.67 -10.72 3.93
N LEU C 87 -16.51 -10.94 3.31
CA LEU C 87 -15.55 -9.85 3.16
C LEU C 87 -16.08 -8.77 2.25
N SER C 88 -16.97 -9.13 1.33
CA SER C 88 -17.36 -8.15 0.33
C SER C 88 -18.41 -7.21 0.89
N PRO C 89 -18.48 -5.97 0.37
CA PRO C 89 -19.52 -5.04 0.83
C PRO C 89 -20.90 -5.31 0.23
N ASN C 90 -21.02 -6.08 -0.83
CA ASN C 90 -22.32 -6.29 -1.45
C ASN C 90 -22.75 -7.73 -1.27
N ASN C 91 -24.01 -7.98 -1.62
CA ASN C 91 -24.60 -9.32 -1.54
C ASN C 91 -24.61 -10.05 -2.87
N ASN C 92 -23.68 -9.69 -3.76
CA ASN C 92 -23.44 -10.37 -5.03
C ASN C 92 -22.39 -11.44 -4.80
N ILE C 93 -22.83 -12.71 -4.78
CA ILE C 93 -21.93 -13.81 -4.47
C ILE C 93 -20.80 -13.91 -5.50
N SER C 94 -21.17 -13.96 -6.78
CA SER C 94 -20.18 -14.16 -7.84
C SER C 94 -19.12 -13.08 -7.83
N GLU C 95 -19.53 -11.80 -7.75
CA GLU C 95 -18.54 -10.74 -7.76
C GLU C 95 -17.70 -10.76 -6.50
N ALA C 96 -18.28 -11.17 -5.37
CA ALA C 96 -17.49 -11.31 -4.16
C ALA C 96 -16.43 -12.39 -4.34
N LEU C 97 -16.83 -13.56 -4.84
CA LEU C 97 -15.89 -14.65 -4.94
C LEU C 97 -14.78 -14.36 -5.94
N LYS C 98 -15.09 -13.52 -6.95
CA LYS C 98 -14.16 -13.13 -8.02
C LYS C 98 -13.16 -12.07 -7.51
N LYS C 99 -13.62 -11.07 -6.76
CA LYS C 99 -12.77 -9.98 -6.30
C LYS C 99 -12.08 -10.30 -4.99
N PHE C 100 -12.69 -11.07 -4.09
CA PHE C 100 -12.01 -11.38 -2.84
C PHE C 100 -11.40 -12.77 -2.82
N GLY C 101 -11.76 -13.63 -3.77
CA GLY C 101 -11.06 -14.88 -3.95
C GLY C 101 -9.78 -14.66 -4.74
N ILE C 102 -9.08 -15.75 -5.00
CA ILE C 102 -7.87 -15.64 -5.82
C ILE C 102 -8.22 -15.97 -7.26
N SER C 103 -7.46 -15.39 -8.18
CA SER C 103 -7.60 -15.67 -9.61
C SER C 103 -6.31 -16.33 -10.12
N ALA C 104 -6.40 -16.87 -11.34
CA ALA C 104 -5.28 -17.66 -11.85
C ALA C 104 -3.98 -16.88 -11.83
N ASN C 105 -4.04 -15.56 -12.05
CA ASN C 105 -2.83 -14.78 -12.21
C ASN C 105 -2.15 -14.38 -10.90
N ASP C 106 -2.88 -14.39 -9.78
CA ASP C 106 -2.33 -13.90 -8.52
C ASP C 106 -0.98 -14.55 -8.22
N THR C 107 -0.11 -13.80 -7.57
CA THR C 107 1.15 -14.32 -7.08
C THR C 107 1.25 -14.24 -5.57
N SER C 108 0.20 -13.76 -4.92
CA SER C 108 0.12 -13.65 -3.48
C SER C 108 -1.26 -14.14 -3.09
N ILE C 109 -1.33 -14.89 -1.99
CA ILE C 109 -2.60 -15.45 -1.54
C ILE C 109 -2.61 -15.53 -0.02
N LEU C 110 -3.78 -15.33 0.56
CA LEU C 110 -4.01 -15.58 1.97
C LEU C 110 -4.93 -16.78 2.09
N ILE C 111 -4.53 -17.75 2.91
CA ILE C 111 -5.34 -18.92 3.20
C ILE C 111 -5.90 -18.78 4.60
N VAL C 112 -7.20 -19.02 4.72
CA VAL C 112 -7.92 -18.92 5.99
C VAL C 112 -8.73 -20.19 6.16
N TYR C 113 -8.52 -20.88 7.27
CA TYR C 113 -9.38 -21.99 7.63
C TYR C 113 -9.70 -21.90 9.11
N ILE C 114 -10.78 -22.56 9.49
CA ILE C 114 -11.18 -22.66 10.89
C ILE C 114 -11.23 -24.11 11.27
N GLU C 115 -10.61 -24.45 12.41
CA GLU C 115 -10.67 -25.76 13.03
C GLU C 115 -11.55 -25.69 14.28
N GLU C 116 -12.08 -26.85 14.68
CA GLU C 116 -12.95 -26.92 15.85
C GLU C 116 -13.04 -28.39 16.24
N GLY C 117 -12.45 -28.73 17.38
CA GLY C 117 -12.44 -30.10 17.86
C GLY C 117 -11.95 -31.13 16.86
N GLU C 118 -12.80 -32.12 16.59
CA GLU C 118 -12.40 -33.20 15.70
C GLU C 118 -12.09 -32.73 14.31
N LYS C 119 -12.50 -31.51 13.95
CA LYS C 119 -12.27 -30.96 12.61
C LYS C 119 -10.88 -30.36 12.58
N GLN C 120 -9.88 -31.14 12.15
CA GLN C 120 -8.51 -30.67 12.12
C GLN C 120 -8.03 -30.58 10.67
N ILE C 121 -7.19 -29.60 10.39
CA ILE C 121 -6.63 -29.40 9.05
C ILE C 121 -5.14 -29.73 9.09
N ASN C 122 -4.67 -30.49 8.10
CA ASN C 122 -3.25 -30.82 7.99
C ASN C 122 -2.52 -29.62 7.40
N GLN C 123 -1.92 -28.80 8.27
CA GLN C 123 -1.31 -27.56 7.80
C GLN C 123 -0.05 -27.81 6.98
N GLU C 124 0.76 -28.81 7.37
CA GLU C 124 1.93 -29.17 6.59
C GLU C 124 1.55 -29.55 5.17
N TYR C 125 0.50 -30.37 5.03
CA TYR C 125 0.04 -30.77 3.70
C TYR C 125 -0.47 -29.58 2.92
N LEU C 126 -1.34 -28.76 3.53
CA LEU C 126 -1.83 -27.54 2.90
C LEU C 126 -0.67 -26.69 2.36
N ILE C 127 0.28 -26.36 3.22
CA ILE C 127 1.40 -25.51 2.80
C ILE C 127 2.13 -26.13 1.61
N SER C 128 2.41 -27.44 1.66
CA SER C 128 3.15 -28.07 0.57
C SER C 128 2.42 -27.90 -0.76
N GLN C 129 1.09 -27.91 -0.75
CA GLN C 129 0.35 -27.73 -1.99
C GLN C 129 0.57 -26.35 -2.60
N VAL C 130 1.16 -25.42 -1.86
CA VAL C 130 1.36 -24.05 -2.33
C VAL C 130 2.79 -23.92 -2.84
N GLU C 131 2.95 -23.47 -4.08
CA GLU C 131 4.28 -23.24 -4.62
C GLU C 131 4.59 -21.76 -4.52
N GLY C 132 5.14 -21.39 -3.37
CA GLY C 132 5.50 -20.01 -3.07
C GLY C 132 6.08 -19.96 -1.68
N HIS C 133 6.48 -18.75 -1.29
CA HIS C 133 7.11 -18.55 0.00
C HIS C 133 6.08 -18.07 1.02
N GLN C 134 6.02 -18.75 2.16
CA GLN C 134 5.10 -18.41 3.24
C GLN C 134 5.74 -17.33 4.11
N VAL C 135 5.29 -16.10 3.94
CA VAL C 135 5.80 -14.98 4.74
C VAL C 135 4.97 -14.83 6.00
N SER C 136 5.45 -13.99 6.92
CA SER C 136 4.69 -13.62 8.10
C SER C 136 3.51 -12.71 7.70
N LEU C 137 2.44 -12.79 8.49
CA LEU C 137 1.26 -12.00 8.17
C LEU C 137 1.46 -10.53 8.52
N LYS C 138 2.51 -10.24 9.29
CA LYS C 138 2.98 -8.86 9.55
C LYS C 138 3.44 -8.27 8.20
N ASN C 139 3.75 -9.07 7.17
CA ASN C 139 4.11 -8.57 5.82
C ASN C 139 2.87 -8.14 5.00
N LEU C 140 1.70 -8.75 5.24
CA LEU C 140 0.40 -8.44 4.54
C LEU C 140 0.25 -6.93 4.30
N PRO C 141 0.40 -5.99 5.29
CA PRO C 141 0.38 -4.55 5.01
C PRO C 141 1.10 -4.06 3.74
N GLU C 142 2.21 -4.70 3.34
CA GLU C 142 2.95 -4.38 2.11
C GLU C 142 2.21 -4.99 0.93
N ILE C 143 1.65 -6.19 1.05
CA ILE C 143 0.87 -6.76 -0.04
C ILE C 143 -0.50 -6.08 -0.17
N MET C 144 -0.95 -5.42 0.90
CA MET C 144 -2.27 -4.73 0.98
C MET C 144 -2.30 -3.51 0.05
N ASN C 145 -3.03 -3.59 -1.08
CA ASN C 145 -3.22 -2.47 -2.04
C ASN C 145 -4.35 -1.58 -1.49
N ILE C 146 -4.02 -0.49 -0.78
CA ILE C 146 -4.96 0.46 -0.13
C ILE C 146 -5.88 1.16 -1.15
N THR C 147 -5.42 1.38 -2.37
CA THR C 147 -6.12 2.11 -3.41
C THR C 147 -7.29 1.31 -3.97
N GLU C 148 -7.10 0.02 -4.26
CA GLU C 148 -8.26 -0.73 -4.70
C GLU C 148 -9.12 -1.15 -3.51
N VAL C 149 -8.54 -1.27 -2.32
CA VAL C 149 -9.34 -1.43 -1.12
C VAL C 149 -10.35 -0.29 -1.00
N LYS C 150 -9.90 0.95 -1.17
CA LYS C 150 -10.85 2.06 -1.14
C LYS C 150 -11.83 1.98 -2.32
N LYS C 151 -11.36 1.48 -3.48
CA LYS C 151 -12.23 1.46 -4.66
C LYS C 151 -13.27 0.35 -4.60
N ILE C 152 -12.92 -0.79 -4.00
CA ILE C 152 -13.88 -1.88 -3.87
C ILE C 152 -14.88 -1.67 -2.74
N TYR C 153 -14.54 -0.86 -1.73
CA TYR C 153 -15.45 -0.59 -0.63
C TYR C 153 -16.10 0.79 -0.75
N LYS C 154 -15.89 1.49 -1.86
CA LYS C 154 -16.48 2.80 -2.09
C LYS C 154 -16.22 3.73 -0.89
N LEU C 155 -15.00 3.68 -0.38
CA LEU C 155 -14.64 4.42 0.82
C LEU C 155 -14.51 5.90 0.52
N SER C 156 -15.48 6.69 0.97
CA SER C 156 -15.43 8.15 0.87
C SER C 156 -14.53 8.71 1.98
N SER C 157 -14.16 9.98 1.83
CA SER C 157 -13.22 10.55 2.79
C SER C 157 -13.90 11.06 4.05
N GLN C 158 -15.19 11.40 3.99
CA GLN C 158 -15.88 11.73 5.23
C GLN C 158 -15.91 10.54 6.18
N GLU C 159 -15.74 9.31 5.68
CA GLU C 159 -15.61 8.17 6.58
C GLU C 159 -14.23 8.13 7.24
N GLU C 160 -13.19 8.50 6.48
CA GLU C 160 -11.87 8.68 7.08
C GLU C 160 -11.89 9.82 8.07
N SER C 161 -12.68 10.84 7.86
CA SER C 161 -12.72 11.99 8.78
C SER C 161 -12.97 11.56 10.23
N ILE C 162 -13.84 10.57 10.42
CA ILE C 162 -14.29 10.12 11.76
C ILE C 162 -13.77 8.73 12.15
N GLY C 163 -12.82 8.09 11.47
CA GLY C 163 -12.25 6.82 11.88
C GLY C 163 -11.46 6.17 10.78
N THR C 164 -10.78 5.09 11.17
CA THR C 164 -9.91 4.33 10.29
C THR C 164 -10.67 3.82 9.07
N LEU C 165 -9.92 3.49 8.02
CA LEU C 165 -10.53 2.80 6.87
C LEU C 165 -11.01 1.41 7.27
N LEU C 166 -10.32 0.77 8.21
CA LEU C 166 -10.74 -0.53 8.70
C LEU C 166 -12.15 -0.48 9.32
N ASP C 167 -12.39 0.51 10.21
CA ASP C 167 -13.71 0.65 10.83
C ASP C 167 -14.80 0.79 9.78
N ALA C 168 -14.53 1.58 8.75
CA ALA C 168 -15.50 1.78 7.68
C ALA C 168 -15.84 0.47 6.97
N ILE C 169 -14.82 -0.31 6.57
CA ILE C 169 -15.15 -1.52 5.80
C ILE C 169 -15.81 -2.55 6.72
N ILE C 170 -15.43 -2.58 8.00
CA ILE C 170 -16.06 -3.49 8.94
C ILE C 170 -17.53 -3.13 9.15
N CYS C 171 -17.85 -1.84 9.11
CA CYS C 171 -19.24 -1.42 9.18
C CYS C 171 -20.03 -1.91 7.96
N ARG C 172 -19.50 -1.69 6.77
CA ARG C 172 -20.14 -2.23 5.57
C ARG C 172 -20.30 -3.74 5.68
N MET C 173 -19.25 -4.45 6.08
CA MET C 173 -19.31 -5.91 6.19
C MET C 173 -20.39 -6.35 7.16
N SER C 174 -20.49 -5.68 8.30
CA SER C 174 -21.31 -6.19 9.39
C SER C 174 -22.78 -5.87 9.21
N THR C 175 -23.12 -4.93 8.33
CA THR C 175 -24.51 -4.53 8.16
C THR C 175 -25.09 -4.86 6.79
N LYS C 176 -24.27 -5.39 5.86
CA LYS C 176 -24.73 -5.52 4.48
C LYS C 176 -25.92 -6.47 4.36
N ASP C 177 -26.17 -7.31 5.36
CA ASP C 177 -27.25 -8.27 5.20
C ASP C 177 -28.62 -7.69 5.58
N VAL C 178 -28.69 -6.51 6.18
CA VAL C 178 -29.95 -5.78 6.26
C VAL C 178 -29.88 -4.62 5.27
N LEU C 179 -29.11 -4.83 4.20
CA LEU C 179 -28.73 -3.80 3.23
C LEU C 179 -28.66 -2.42 3.87
N GLU D 32 -33.33 -27.79 12.72
CA GLU D 32 -33.14 -26.36 12.51
C GLU D 32 -33.57 -25.49 13.70
N ALA D 33 -34.79 -25.72 14.19
CA ALA D 33 -35.29 -24.92 15.31
C ALA D 33 -34.39 -25.03 16.52
N GLU D 34 -33.79 -26.20 16.73
CA GLU D 34 -32.81 -26.36 17.81
C GLU D 34 -31.53 -25.61 17.53
N ALA D 35 -31.16 -25.42 16.26
CA ALA D 35 -29.99 -24.58 15.97
C ALA D 35 -30.24 -23.15 16.45
N LEU D 36 -31.39 -22.59 16.10
CA LEU D 36 -31.77 -21.28 16.61
C LEU D 36 -31.72 -21.26 18.14
N ALA D 37 -32.32 -22.28 18.77
CA ALA D 37 -32.21 -22.44 20.20
C ALA D 37 -30.75 -22.47 20.64
N ALA D 38 -29.93 -23.26 19.96
CA ALA D 38 -28.53 -23.42 20.35
C ALA D 38 -27.80 -22.08 20.35
N ALA D 39 -27.98 -21.32 19.27
CA ALA D 39 -27.30 -20.03 19.16
C ALA D 39 -27.74 -19.10 20.27
N ARG D 40 -29.05 -19.13 20.60
CA ARG D 40 -29.57 -18.26 21.63
C ARG D 40 -28.94 -18.57 22.98
N GLU D 41 -28.71 -19.85 23.26
CA GLU D 41 -28.07 -20.19 24.52
C GLU D 41 -26.58 -19.86 24.48
N ARG D 42 -25.92 -20.14 23.37
CA ARG D 42 -24.54 -19.67 23.21
C ARG D 42 -24.46 -18.17 23.50
N SER D 43 -25.36 -17.40 22.90
CA SER D 43 -25.42 -15.96 23.12
C SER D 43 -25.55 -15.61 24.60
N SER D 44 -26.58 -16.17 25.25
CA SER D 44 -26.92 -15.74 26.60
C SER D 44 -25.79 -15.99 27.59
N ARG D 45 -25.11 -17.13 27.47
CA ARG D 45 -24.03 -17.41 28.40
C ARG D 45 -22.70 -16.84 27.94
N PHE D 46 -22.62 -16.29 26.74
CA PHE D 46 -21.49 -15.41 26.48
C PHE D 46 -21.66 -14.09 27.21
N LEU D 47 -22.91 -13.60 27.28
CA LEU D 47 -23.18 -12.37 28.00
C LEU D 47 -22.84 -12.52 29.48
N SER D 48 -23.46 -13.48 30.13
CA SER D 48 -22.94 -13.92 31.43
C SER D 48 -21.43 -14.07 31.34
N GLY D 49 -20.71 -13.25 32.09
CA GLY D 49 -19.28 -13.17 31.98
C GLY D 49 -18.77 -11.88 31.38
N LEU D 50 -19.63 -10.89 31.16
CA LEU D 50 -19.23 -9.54 30.77
C LEU D 50 -19.72 -8.56 31.81
N GLU D 51 -19.03 -7.41 31.90
CA GLU D 51 -19.49 -6.36 32.79
C GLU D 51 -20.83 -5.82 32.30
N LEU D 52 -21.90 -6.06 33.05
CA LEU D 52 -23.17 -5.43 32.74
C LEU D 52 -23.05 -3.92 32.94
N VAL D 53 -23.15 -3.16 31.86
CA VAL D 53 -22.94 -1.72 31.96
C VAL D 53 -24.22 -0.99 32.34
N LYS D 54 -25.34 -1.37 31.72
CA LYS D 54 -26.63 -0.76 32.03
C LYS D 54 -27.76 -1.68 31.59
N GLN D 55 -28.85 -1.67 32.35
CA GLN D 55 -30.06 -2.37 31.97
C GLN D 55 -31.24 -1.42 32.05
N GLY D 56 -32.15 -1.51 31.08
CA GLY D 56 -33.31 -0.65 31.12
C GLY D 56 -34.34 -0.80 30.02
N ALA D 57 -35.61 -0.68 30.40
CA ALA D 57 -36.70 -0.74 29.43
C ALA D 57 -36.32 -1.95 28.59
N GLU D 58 -36.07 -1.73 27.28
CA GLU D 58 -35.95 -2.79 26.27
C GLU D 58 -34.66 -3.60 26.13
N ALA D 59 -33.53 -3.12 26.66
CA ALA D 59 -32.25 -3.74 26.32
C ALA D 59 -31.29 -3.64 27.50
N ARG D 60 -30.36 -4.59 27.56
CA ARG D 60 -29.24 -4.56 28.48
C ARG D 60 -27.94 -4.41 27.70
N VAL D 61 -27.07 -3.55 28.19
CA VAL D 61 -25.83 -3.17 27.52
C VAL D 61 -24.67 -3.71 28.35
N PHE D 62 -23.93 -4.65 27.77
CA PHE D 62 -22.71 -5.16 28.39
C PHE D 62 -21.49 -4.54 27.72
N ARG D 63 -20.34 -4.71 28.35
CA ARG D 63 -19.08 -4.33 27.76
C ARG D 63 -18.14 -5.53 27.81
N GLY D 64 -17.19 -5.56 26.89
CA GLY D 64 -16.27 -6.66 26.78
C GLY D 64 -15.32 -6.52 25.60
N ARG D 65 -14.85 -7.66 25.08
CA ARG D 65 -13.89 -7.69 23.99
C ARG D 65 -14.44 -8.52 22.84
N PHE D 66 -14.27 -8.01 21.63
CA PHE D 66 -14.64 -8.73 20.40
C PHE D 66 -13.40 -8.79 19.53
N GLN D 67 -12.85 -10.00 19.37
CA GLN D 67 -11.66 -10.25 18.55
C GLN D 67 -10.62 -9.16 18.76
N GLY D 68 -10.35 -8.86 20.02
CA GLY D 68 -9.26 -7.98 20.40
C GLY D 68 -9.56 -6.50 20.40
N ARG D 69 -10.82 -6.11 20.26
CA ARG D 69 -11.19 -4.71 20.25
C ARG D 69 -12.27 -4.47 21.29
N ALA D 70 -12.13 -3.37 22.03
CA ALA D 70 -13.11 -3.01 23.05
C ALA D 70 -14.50 -2.89 22.44
N ALA D 71 -15.47 -3.61 23.01
CA ALA D 71 -16.81 -3.68 22.45
C ALA D 71 -17.87 -3.41 23.51
N VAL D 72 -19.00 -2.91 23.04
CA VAL D 72 -20.25 -2.88 23.77
C VAL D 72 -21.24 -3.75 23.03
N ILE D 73 -21.98 -4.57 23.75
CA ILE D 73 -23.00 -5.42 23.15
C ILE D 73 -24.36 -5.01 23.71
N LYS D 74 -25.32 -4.71 22.80
CA LYS D 74 -26.69 -4.32 23.15
C LYS D 74 -27.60 -5.52 22.91
N HIS D 75 -28.04 -6.18 24.01
CA HIS D 75 -28.95 -7.31 23.92
C HIS D 75 -30.38 -6.81 24.17
N ARG D 76 -31.26 -6.88 23.15
CA ARG D 76 -32.72 -6.58 23.26
C ARG D 76 -33.37 -7.89 23.75
N PHE D 77 -33.49 -8.07 25.06
CA PHE D 77 -33.95 -9.31 25.68
C PHE D 77 -35.48 -9.41 25.69
N PRO D 78 -36.02 -10.63 25.82
CA PRO D 78 -37.47 -10.80 25.89
C PRO D 78 -38.00 -10.78 27.32
N LYS D 79 -39.04 -9.97 27.56
CA LYS D 79 -39.64 -9.87 28.90
C LYS D 79 -40.39 -11.13 29.27
N GLY D 80 -41.20 -11.65 28.34
CA GLY D 80 -42.06 -12.77 28.60
C GLY D 80 -43.51 -12.39 28.84
N TYR D 81 -43.78 -11.14 29.22
CA TYR D 81 -45.14 -10.74 29.55
C TYR D 81 -45.97 -10.38 28.32
N ARG D 82 -45.33 -9.98 27.22
CA ARG D 82 -46.00 -9.83 25.94
C ARG D 82 -45.99 -11.16 25.19
N HIS D 83 -46.67 -11.17 24.04
CA HIS D 83 -46.71 -12.34 23.17
C HIS D 83 -45.28 -12.82 22.85
N PRO D 84 -44.99 -14.12 22.96
CA PRO D 84 -43.59 -14.57 22.79
C PRO D 84 -43.01 -14.24 21.45
N ALA D 85 -43.84 -14.21 20.41
CA ALA D 85 -43.37 -14.01 19.04
C ALA D 85 -43.19 -12.53 18.74
N LEU D 86 -44.25 -11.73 18.96
CA LEU D 86 -44.14 -10.30 18.69
C LEU D 86 -43.10 -9.63 19.58
N GLU D 87 -42.73 -10.29 20.69
CA GLU D 87 -41.58 -9.82 21.47
C GLU D 87 -40.30 -9.90 20.64
N ALA D 88 -40.13 -11.03 19.93
CA ALA D 88 -38.95 -11.20 19.07
C ALA D 88 -39.02 -10.29 17.85
N ARG D 89 -40.23 -10.08 17.29
CA ARG D 89 -40.40 -9.16 16.17
C ARG D 89 -40.02 -7.74 16.56
N LEU D 90 -40.33 -7.35 17.81
CA LEU D 90 -39.95 -6.03 18.29
C LEU D 90 -38.44 -5.91 18.44
N GLY D 91 -37.81 -6.89 19.11
CA GLY D 91 -36.38 -6.82 19.31
C GLY D 91 -35.60 -6.87 18.00
N ARG D 92 -36.06 -7.68 17.04
CA ARG D 92 -35.43 -7.70 15.72
C ARG D 92 -35.53 -6.35 15.02
N ARG D 93 -36.73 -5.72 15.03
CA ARG D 93 -36.90 -4.45 14.32
C ARG D 93 -35.97 -3.37 14.87
N ARG D 94 -35.83 -3.30 16.20
CA ARG D 94 -34.90 -2.35 16.80
C ARG D 94 -33.46 -2.62 16.35
N THR D 95 -33.04 -3.88 16.38
CA THR D 95 -31.67 -4.19 15.96
C THR D 95 -31.43 -3.84 14.49
N VAL D 96 -32.32 -4.30 13.61
CA VAL D 96 -32.20 -3.96 12.19
C VAL D 96 -32.05 -2.45 12.02
N GLN D 97 -32.94 -1.68 12.64
CA GLN D 97 -32.92 -0.22 12.47
C GLN D 97 -31.62 0.38 12.99
N GLU D 98 -31.17 -0.10 14.15
CA GLU D 98 -29.97 0.46 14.75
C GLU D 98 -28.73 0.14 13.91
N ALA D 99 -28.68 -1.08 13.36
CA ALA D 99 -27.58 -1.45 12.47
C ALA D 99 -27.58 -0.61 11.20
N ARG D 100 -28.75 -0.45 10.56
CA ARG D 100 -28.84 0.39 9.36
C ARG D 100 -28.42 1.83 9.66
N ALA D 101 -28.80 2.36 10.83
CA ALA D 101 -28.48 3.75 11.15
C ALA D 101 -26.99 3.94 11.36
N LEU D 102 -26.36 3.03 12.12
CA LEU D 102 -24.92 3.15 12.35
C LEU D 102 -24.15 3.09 11.04
N LEU D 103 -24.61 2.26 10.09
CA LEU D 103 -23.97 2.23 8.77
C LEU D 103 -24.15 3.57 8.05
N ARG D 104 -25.38 4.07 8.01
CA ARG D 104 -25.65 5.31 7.31
C ARG D 104 -24.83 6.46 7.85
N CYS D 105 -24.73 6.53 9.20
CA CYS D 105 -23.90 7.52 9.90
C CYS D 105 -22.45 7.48 9.42
N ARG D 106 -21.81 6.31 9.53
CA ARG D 106 -20.39 6.18 9.18
C ARG D 106 -20.14 6.59 7.73
N ARG D 107 -20.96 6.10 6.82
CA ARG D 107 -20.79 6.50 5.43
C ARG D 107 -21.09 7.98 5.22
N ALA D 108 -21.83 8.60 6.12
CA ALA D 108 -22.11 10.04 6.05
C ALA D 108 -21.12 10.88 6.83
N GLY D 109 -20.15 10.26 7.50
CA GLY D 109 -19.24 11.04 8.30
C GLY D 109 -19.77 11.43 9.65
N ILE D 110 -20.93 10.91 10.05
CA ILE D 110 -21.49 11.26 11.34
C ILE D 110 -20.90 10.30 12.37
N SER D 111 -20.04 10.84 13.22
CA SER D 111 -19.34 10.06 14.23
C SER D 111 -20.29 9.32 15.16
N ALA D 112 -20.32 7.99 15.06
CA ALA D 112 -21.10 7.08 15.90
C ALA D 112 -20.33 5.77 16.02
N PRO D 113 -20.83 4.77 16.75
CA PRO D 113 -20.02 3.58 16.99
C PRO D 113 -20.03 2.62 15.81
N VAL D 114 -18.88 2.00 15.56
CA VAL D 114 -18.75 1.02 14.50
C VAL D 114 -19.50 -0.25 14.88
N VAL D 115 -20.29 -0.78 13.97
CA VAL D 115 -20.93 -2.08 14.18
C VAL D 115 -19.93 -3.18 13.80
N PHE D 116 -19.66 -4.08 14.73
CA PHE D 116 -18.80 -5.23 14.50
C PHE D 116 -19.56 -6.42 13.93
N PHE D 117 -20.76 -6.66 14.45
CA PHE D 117 -21.47 -7.92 14.22
C PHE D 117 -22.85 -7.77 14.83
N VAL D 118 -23.85 -8.35 14.17
CA VAL D 118 -25.23 -8.22 14.61
C VAL D 118 -25.80 -9.64 14.61
N ASP D 119 -26.17 -10.13 15.78
CA ASP D 119 -26.73 -11.47 15.90
C ASP D 119 -28.24 -11.31 15.89
N TYR D 120 -28.88 -11.77 14.83
CA TYR D 120 -30.33 -11.66 14.73
C TYR D 120 -31.04 -12.87 15.31
N ALA D 121 -30.29 -13.91 15.72
CA ALA D 121 -30.88 -15.00 16.47
C ALA D 121 -31.21 -14.58 17.89
N SER D 122 -30.39 -13.71 18.47
CA SER D 122 -30.58 -13.23 19.83
C SER D 122 -30.80 -11.73 19.91
N ASN D 123 -30.83 -11.03 18.77
CA ASN D 123 -30.99 -9.57 18.71
C ASN D 123 -29.96 -8.85 19.58
N CYS D 124 -28.69 -9.12 19.30
CA CYS D 124 -27.60 -8.41 19.96
C CYS D 124 -26.77 -7.67 18.94
N LEU D 125 -26.34 -6.49 19.30
CA LEU D 125 -25.56 -5.64 18.41
C LEU D 125 -24.18 -5.48 19.04
N TYR D 126 -23.16 -5.95 18.34
CA TYR D 126 -21.79 -5.84 18.83
C TYR D 126 -21.11 -4.64 18.18
N MET D 127 -20.59 -3.74 19.00
CA MET D 127 -20.18 -2.44 18.46
C MET D 127 -18.95 -1.93 19.21
N GLU D 128 -18.18 -1.07 18.52
CA GLU D 128 -17.05 -0.40 19.16
C GLU D 128 -17.52 0.36 20.39
N GLU D 129 -16.83 0.14 21.50
CA GLU D 129 -17.09 0.89 22.72
C GLU D 129 -16.36 2.21 22.66
N ILE D 130 -17.07 3.31 22.99
CA ILE D 130 -16.45 4.62 23.11
C ILE D 130 -15.84 4.73 24.50
N GLU D 131 -14.67 4.13 24.68
CA GLU D 131 -13.92 4.03 25.96
C GLU D 131 -13.79 5.40 26.62
N GLY D 132 -13.99 5.49 27.93
CA GLY D 132 -13.98 6.75 28.64
C GLY D 132 -15.20 7.61 28.42
N SER D 133 -16.33 7.01 28.02
CA SER D 133 -17.51 7.77 27.65
C SER D 133 -18.13 8.44 28.87
N VAL D 134 -18.67 9.63 28.67
CA VAL D 134 -19.65 10.20 29.58
C VAL D 134 -20.83 10.65 28.73
N THR D 135 -22.04 10.25 29.13
CA THR D 135 -23.23 10.75 28.45
C THR D 135 -23.26 12.27 28.54
N VAL D 136 -23.69 12.92 27.45
CA VAL D 136 -23.85 14.36 27.47
C VAL D 136 -24.77 14.78 28.61
N ARG D 137 -25.75 13.95 28.96
CA ARG D 137 -26.59 14.20 30.12
C ARG D 137 -25.76 14.43 31.38
N ASP D 138 -24.98 13.43 31.78
CA ASP D 138 -24.18 13.57 33.00
C ASP D 138 -23.18 14.71 32.88
N TYR D 139 -22.74 15.04 31.67
CA TYR D 139 -21.90 16.22 31.52
C TYR D 139 -22.67 17.47 31.95
N ILE D 140 -23.92 17.61 31.49
CA ILE D 140 -24.72 18.77 31.85
C ILE D 140 -25.06 18.75 33.34
N GLN D 141 -25.60 17.62 33.81
CA GLN D 141 -26.02 17.52 35.21
C GLN D 141 -24.88 17.94 36.13
N SER D 142 -23.68 17.43 35.89
CA SER D 142 -22.54 17.74 36.75
C SER D 142 -22.03 19.15 36.57
N THR D 143 -22.38 19.84 35.48
CA THR D 143 -21.93 21.22 35.30
C THR D 143 -22.94 22.24 35.80
N MET D 144 -24.16 21.83 36.16
CA MET D 144 -25.08 22.71 36.84
C MET D 144 -25.16 22.45 38.34
N GLU D 145 -24.74 21.29 38.81
CA GLU D 145 -24.52 21.00 40.23
C GLU D 145 -23.26 21.77 40.64
N THR D 146 -22.37 22.07 39.71
CA THR D 146 -21.12 22.80 40.01
C THR D 146 -21.29 24.30 39.77
N GLU D 147 -21.43 24.70 38.51
CA GLU D 147 -21.45 26.09 38.13
C GLU D 147 -22.76 26.80 38.48
N LYS D 148 -23.84 26.04 38.70
CA LYS D 148 -25.17 26.61 38.93
C LYS D 148 -25.61 27.56 37.80
N THR D 149 -25.00 27.43 36.63
CA THR D 149 -25.38 28.22 35.45
C THR D 149 -25.03 27.43 34.21
N PRO D 150 -25.75 27.64 33.11
CA PRO D 150 -25.43 26.97 31.83
C PRO D 150 -24.61 27.81 30.87
N GLN D 151 -24.11 28.95 31.34
CA GLN D 151 -23.30 29.83 30.49
C GLN D 151 -22.20 29.08 29.70
N GLY D 152 -21.52 28.10 30.31
CA GLY D 152 -20.41 27.45 29.61
C GLY D 152 -20.82 26.41 28.58
N LEU D 153 -22.03 25.88 28.69
CA LEU D 153 -22.51 24.84 27.78
C LEU D 153 -22.76 25.34 26.36
N SER D 154 -22.63 26.64 26.08
CA SER D 154 -22.93 27.12 24.74
C SER D 154 -22.08 26.43 23.69
N ASN D 155 -20.82 26.14 24.01
CA ASN D 155 -19.96 25.43 23.04
C ASN D 155 -20.51 24.04 22.77
N LEU D 156 -20.71 23.24 23.82
CA LEU D 156 -21.34 21.95 23.66
C LEU D 156 -22.68 22.05 22.93
N ALA D 157 -23.30 23.24 22.91
CA ALA D 157 -24.60 23.40 22.25
C ALA D 157 -24.46 23.58 20.74
N LYS D 158 -23.45 24.33 20.30
CA LYS D 158 -23.24 24.45 18.85
C LYS D 158 -22.81 23.12 18.24
N THR D 159 -22.01 22.34 18.96
CA THR D 159 -21.56 21.06 18.44
C THR D 159 -22.74 20.14 18.16
N ILE D 160 -23.64 20.01 19.14
CA ILE D 160 -24.83 19.20 18.93
C ILE D 160 -25.64 19.73 17.76
N GLY D 161 -25.69 21.07 17.61
CA GLY D 161 -26.36 21.66 16.46
C GLY D 161 -25.74 21.25 15.13
N GLN D 162 -24.41 21.15 15.09
CA GLN D 162 -23.72 20.71 13.87
C GLN D 162 -23.90 19.22 13.63
N VAL D 163 -23.52 18.38 14.60
CA VAL D 163 -23.76 16.94 14.50
C VAL D 163 -25.17 16.66 14.03
N LEU D 164 -26.17 17.24 14.71
CA LEU D 164 -27.56 16.96 14.39
C LEU D 164 -27.95 17.57 13.05
N ALA D 165 -27.34 18.68 12.67
CA ALA D 165 -27.56 19.22 11.34
C ALA D 165 -27.06 18.24 10.27
N ARG D 166 -25.83 17.75 10.42
CA ARG D 166 -25.31 16.75 9.49
C ARG D 166 -26.19 15.51 9.46
N MET D 167 -26.53 14.98 10.64
CA MET D 167 -27.39 13.81 10.70
C MET D 167 -28.67 14.02 9.89
N HIS D 168 -29.34 15.17 10.11
CA HIS D 168 -30.60 15.43 9.43
C HIS D 168 -30.42 15.74 7.95
N ASP D 169 -29.28 16.30 7.56
CA ASP D 169 -29.00 16.50 6.14
C ASP D 169 -28.85 15.18 5.40
N GLU D 170 -28.34 14.15 6.08
CA GLU D 170 -28.34 12.78 5.60
C GLU D 170 -29.73 12.14 5.59
N ASP D 171 -30.77 12.88 5.97
CA ASP D 171 -32.17 12.40 5.99
C ASP D 171 -32.38 11.24 6.97
N LEU D 172 -31.55 11.16 8.01
CA LEU D 172 -31.71 10.17 9.07
C LEU D 172 -32.45 10.80 10.26
N ILE D 173 -33.57 10.19 10.66
CA ILE D 173 -34.34 10.65 11.81
C ILE D 173 -33.95 9.76 12.97
N HIS D 174 -33.29 10.34 13.98
CA HIS D 174 -32.79 9.54 15.10
C HIS D 174 -33.92 8.81 15.81
N GLY D 175 -34.98 9.54 16.18
CA GLY D 175 -36.17 8.95 16.74
C GLY D 175 -36.29 9.06 18.25
N ASP D 176 -35.19 9.27 18.95
CA ASP D 176 -35.27 9.41 20.39
C ASP D 176 -34.07 10.23 20.87
N LEU D 177 -33.91 11.42 20.28
CA LEU D 177 -32.86 12.34 20.70
C LEU D 177 -33.00 12.75 22.15
N THR D 178 -32.09 12.27 23.00
CA THR D 178 -31.98 12.70 24.39
C THR D 178 -30.52 12.96 24.70
N THR D 179 -30.29 13.65 25.81
CA THR D 179 -28.91 13.91 26.24
C THR D 179 -28.24 12.65 26.76
N SER D 180 -29.00 11.58 27.03
CA SER D 180 -28.44 10.31 27.44
C SER D 180 -28.04 9.46 26.24
N ASN D 181 -28.52 9.82 25.05
CA ASN D 181 -28.16 9.13 23.82
C ASN D 181 -27.08 9.88 23.06
N MET D 182 -26.32 10.71 23.74
CA MET D 182 -25.12 11.33 23.18
C MET D 182 -23.97 11.07 24.14
N LEU D 183 -22.89 10.48 23.62
CA LEU D 183 -21.66 10.29 24.36
C LEU D 183 -20.66 11.38 23.97
N LEU D 184 -19.82 11.74 24.92
CA LEU D 184 -18.66 12.58 24.66
C LEU D 184 -17.42 11.68 24.70
N LYS D 185 -16.64 11.72 23.64
CA LYS D 185 -15.48 10.83 23.72
C LYS D 185 -14.25 11.59 24.20
N PRO D 186 -13.53 11.06 25.17
CA PRO D 186 -12.40 11.79 25.77
C PRO D 186 -11.42 12.27 24.72
N PRO D 187 -10.71 13.38 24.99
CA PRO D 187 -10.86 14.22 26.18
C PRO D 187 -12.12 15.07 26.12
N LEU D 188 -12.86 15.17 27.24
CA LEU D 188 -14.16 15.82 27.17
C LEU D 188 -14.03 17.30 26.79
N GLU D 189 -12.90 17.93 27.14
CA GLU D 189 -12.72 19.33 26.79
C GLU D 189 -12.97 19.58 25.30
N GLN D 190 -12.58 18.64 24.45
CA GLN D 190 -12.66 18.86 23.01
C GLN D 190 -14.08 18.71 22.45
N LEU D 191 -15.02 18.19 23.22
CA LEU D 191 -16.42 18.09 22.80
C LEU D 191 -16.57 17.29 21.51
N ASN D 192 -16.17 16.02 21.58
CA ASN D 192 -16.33 15.09 20.46
C ASN D 192 -17.60 14.27 20.70
N ILE D 193 -18.66 14.59 19.95
CA ILE D 193 -19.97 13.97 20.14
C ILE D 193 -20.03 12.68 19.35
N VAL D 194 -20.45 11.60 20.01
CA VAL D 194 -20.80 10.35 19.36
C VAL D 194 -22.28 10.09 19.61
N LEU D 195 -23.01 9.76 18.56
CA LEU D 195 -24.43 9.46 18.65
C LEU D 195 -24.66 7.96 18.82
N ILE D 196 -25.56 7.59 19.73
CA ILE D 196 -25.88 6.20 20.02
C ILE D 196 -27.40 6.03 20.05
N ASP D 197 -27.83 4.75 20.13
CA ASP D 197 -29.24 4.42 20.33
C ASP D 197 -30.11 4.83 19.14
N PHE D 198 -30.01 4.09 18.04
CA PHE D 198 -30.75 4.37 16.82
C PHE D 198 -31.87 3.36 16.55
N GLY D 199 -32.27 2.58 17.56
CA GLY D 199 -33.24 1.54 17.29
C GLY D 199 -34.61 2.06 16.90
N LEU D 200 -34.86 3.34 17.13
CA LEU D 200 -36.09 3.99 16.68
C LEU D 200 -35.85 4.88 15.46
N SER D 201 -34.68 4.78 14.83
CA SER D 201 -34.38 5.61 13.67
C SER D 201 -35.16 5.15 12.44
N PHE D 202 -35.09 5.98 11.40
CA PHE D 202 -35.71 5.72 10.10
C PHE D 202 -35.29 6.84 9.17
N ILE D 203 -35.59 6.66 7.89
CA ILE D 203 -35.19 7.54 6.80
C ILE D 203 -36.35 8.44 6.42
N SER D 204 -36.08 9.75 6.30
CA SER D 204 -37.15 10.70 6.01
C SER D 204 -36.56 12.06 5.69
N ALA D 205 -37.08 12.68 4.63
CA ALA D 205 -36.70 14.02 4.22
C ALA D 205 -37.76 15.06 4.55
N LEU D 206 -38.90 14.65 5.08
CA LEU D 206 -39.97 15.59 5.41
C LEU D 206 -39.56 16.56 6.53
N PRO D 207 -39.68 17.87 6.33
CA PRO D 207 -39.40 18.80 7.43
C PRO D 207 -40.12 18.45 8.73
N GLU D 208 -41.33 17.88 8.62
CA GLU D 208 -42.12 17.55 9.81
C GLU D 208 -41.41 16.52 10.68
N ASP D 209 -40.89 15.46 10.07
CA ASP D 209 -40.23 14.39 10.82
C ASP D 209 -39.00 14.92 11.54
N LYS D 210 -38.21 15.76 10.87
CA LYS D 210 -37.06 16.38 11.53
C LYS D 210 -37.51 17.32 12.64
N GLY D 211 -38.58 18.08 12.41
CA GLY D 211 -39.12 18.95 13.45
C GLY D 211 -39.50 18.16 14.69
N VAL D 212 -40.28 17.09 14.51
CA VAL D 212 -40.65 16.23 15.63
C VAL D 212 -39.42 15.66 16.34
N ASP D 213 -38.38 15.31 15.58
CA ASP D 213 -37.18 14.76 16.18
C ASP D 213 -36.51 15.77 17.11
N LEU D 214 -36.47 17.04 16.69
CA LEU D 214 -35.94 18.09 17.54
C LEU D 214 -36.88 18.39 18.70
N TYR D 215 -38.18 18.35 18.46
CA TYR D 215 -39.12 18.51 19.55
C TYR D 215 -38.87 17.49 20.65
N VAL D 216 -38.67 16.22 20.27
CA VAL D 216 -38.39 15.19 21.28
C VAL D 216 -37.16 15.57 22.10
N LEU D 217 -36.10 16.04 21.43
CA LEU D 217 -34.94 16.50 22.16
C LEU D 217 -35.25 17.69 23.06
N GLU D 218 -36.15 18.60 22.63
CA GLU D 218 -36.45 19.76 23.47
C GLU D 218 -37.20 19.35 24.74
N LYS D 219 -38.22 18.52 24.61
CA LYS D 219 -38.87 17.99 25.80
C LYS D 219 -37.88 17.21 26.66
N ALA D 220 -36.91 16.55 26.03
CA ALA D 220 -35.92 15.80 26.79
C ALA D 220 -35.04 16.73 27.62
N PHE D 221 -34.67 17.89 27.07
CA PHE D 221 -34.03 18.92 27.88
C PHE D 221 -34.96 19.43 28.99
N LEU D 222 -36.18 19.81 28.64
CA LEU D 222 -37.09 20.42 29.61
C LEU D 222 -37.33 19.50 30.81
N SER D 223 -37.16 18.21 30.64
CA SER D 223 -37.46 17.26 31.70
C SER D 223 -36.23 16.66 32.37
N THR D 224 -35.04 16.94 31.88
CA THR D 224 -33.84 16.30 32.39
C THR D 224 -32.80 17.28 32.90
N HIS D 225 -32.74 18.48 32.33
CA HIS D 225 -31.76 19.50 32.72
C HIS D 225 -32.51 20.81 32.95
N PRO D 226 -33.12 20.98 34.13
CA PRO D 226 -33.93 22.18 34.38
C PRO D 226 -33.11 23.46 34.25
N ASN D 227 -33.75 24.49 33.69
CA ASN D 227 -33.12 25.80 33.52
C ASN D 227 -31.99 25.76 32.48
N THR D 228 -32.16 24.94 31.44
CA THR D 228 -31.21 24.89 30.34
C THR D 228 -31.83 25.38 29.03
N GLU D 229 -33.01 25.99 29.07
CA GLU D 229 -33.63 26.49 27.84
C GLU D 229 -32.64 27.34 27.03
N THR D 230 -31.77 28.08 27.72
CA THR D 230 -30.71 28.81 27.04
C THR D 230 -29.92 27.87 26.13
N VAL D 231 -29.64 26.67 26.63
CA VAL D 231 -28.84 25.72 25.88
C VAL D 231 -29.57 25.27 24.62
N PHE D 232 -30.85 24.90 24.76
CA PHE D 232 -31.57 24.37 23.59
C PHE D 232 -31.75 25.43 22.52
N GLU D 233 -31.83 26.67 22.94
CA GLU D 233 -31.99 27.83 22.04
C GLU D 233 -30.71 27.99 21.27
N ALA D 234 -29.58 27.88 21.95
CA ALA D 234 -28.29 27.98 21.30
C ALA D 234 -28.09 26.83 20.33
N PHE D 235 -28.50 25.62 20.74
CA PHE D 235 -28.51 24.50 19.81
C PHE D 235 -29.33 24.82 18.57
N LEU D 236 -30.52 25.40 18.75
CA LEU D 236 -31.39 25.63 17.60
C LEU D 236 -30.72 26.52 16.58
N LYS D 237 -30.05 27.58 17.03
CA LYS D 237 -29.48 28.54 16.10
C LYS D 237 -28.23 28.01 15.43
N SER D 238 -27.46 27.15 16.11
CA SER D 238 -26.30 26.55 15.45
C SER D 238 -26.73 25.50 14.43
N TYR D 239 -27.68 24.65 14.81
CA TYR D 239 -28.39 23.82 13.83
C TYR D 239 -28.89 24.66 12.68
N SER D 240 -29.43 25.83 13.00
CA SER D 240 -29.91 26.72 11.95
C SER D 240 -28.78 27.12 10.99
N THR D 241 -27.55 27.23 11.49
CA THR D 241 -26.42 27.63 10.64
C THR D 241 -25.93 26.47 9.79
N SER D 242 -25.67 25.34 10.42
CA SER D 242 -25.00 24.24 9.77
C SER D 242 -25.87 23.49 8.78
N SER D 243 -27.19 23.68 8.81
CA SER D 243 -28.08 23.00 7.88
C SER D 243 -28.55 23.98 6.81
N LYS D 244 -28.40 23.60 5.55
CA LYS D 244 -28.94 24.40 4.47
C LYS D 244 -30.44 24.18 4.30
N LYS D 245 -31.00 23.15 4.92
CA LYS D 245 -32.42 22.82 4.83
C LYS D 245 -33.22 23.19 6.07
N ALA D 246 -32.62 23.92 7.01
CA ALA D 246 -33.13 24.00 8.38
C ALA D 246 -34.39 24.85 8.53
N ARG D 247 -34.64 25.81 7.63
CA ARG D 247 -35.77 26.72 7.86
C ARG D 247 -37.11 25.99 7.82
N PRO D 248 -37.41 25.15 6.84
CA PRO D 248 -38.70 24.45 6.88
C PRO D 248 -38.89 23.61 8.14
N VAL D 249 -37.83 23.02 8.68
CA VAL D 249 -37.99 22.15 9.85
C VAL D 249 -38.21 23.01 11.10
N LEU D 250 -37.41 24.06 11.26
CA LEU D 250 -37.64 24.97 12.37
C LEU D 250 -39.05 25.53 12.35
N LYS D 251 -39.62 25.74 11.16
CA LYS D 251 -41.03 26.10 11.08
C LYS D 251 -41.91 24.99 11.63
N LYS D 252 -41.59 23.74 11.27
CA LYS D 252 -42.40 22.61 11.75
C LYS D 252 -42.21 22.37 13.24
N LEU D 253 -41.05 22.72 13.79
CA LEU D 253 -40.85 22.57 15.23
C LEU D 253 -41.75 23.51 16.01
N ASP D 254 -41.84 24.77 15.56
CA ASP D 254 -42.72 25.75 16.21
C ASP D 254 -44.19 25.36 16.08
N GLU D 255 -44.55 24.73 14.98
CA GLU D 255 -45.93 24.23 14.85
C GLU D 255 -46.17 23.02 15.75
N VAL D 256 -45.20 22.11 15.85
CA VAL D 256 -45.37 20.95 16.73
C VAL D 256 -45.29 21.36 18.20
N ARG D 257 -44.56 22.44 18.48
CA ARG D 257 -44.42 23.01 19.84
C ARG D 257 -45.81 23.48 20.26
N LEU D 258 -46.54 24.07 19.31
CA LEU D 258 -47.85 24.66 19.58
C LEU D 258 -48.93 23.59 19.67
N ARG D 259 -48.96 22.67 18.71
CA ARG D 259 -49.98 21.63 18.75
C ARG D 259 -49.74 20.69 19.92
N GLY D 260 -48.51 20.66 20.44
CA GLY D 260 -48.14 19.71 21.46
C GLY D 260 -47.83 18.32 20.96
N ARG D 261 -47.92 18.09 19.65
CA ARG D 261 -47.65 16.77 19.05
C ARG D 261 -47.01 16.87 17.65
PG ANP E . 38.98 -3.58 -13.65
O1G ANP E . 39.50 -3.51 -15.06
O2G ANP E . 40.19 -3.51 -12.63
O3G ANP E . 38.18 -4.93 -13.43
PB ANP E . 36.64 -2.32 -14.32
O1B ANP E . 36.77 -1.22 -15.32
O2B ANP E . 36.60 -3.68 -15.07
N3B ANP E . 37.97 -2.27 -13.31
PA ANP E . 34.36 -3.38 -13.06
O1A ANP E . 32.98 -3.18 -13.56
O2A ANP E . 34.99 -4.69 -13.55
O3A ANP E . 35.33 -2.16 -13.44
O5' ANP E . 34.30 -3.41 -11.49
C5' ANP E . 35.37 -2.90 -10.68
C4' ANP E . 35.45 -3.70 -9.41
O4' ANP E . 34.74 -2.98 -8.37
C3' ANP E . 34.81 -5.09 -9.48
O3' ANP E . 35.80 -6.06 -9.81
C2' ANP E . 34.23 -5.26 -8.08
O2' ANP E . 35.23 -5.76 -7.19
C1' ANP E . 33.80 -3.82 -7.74
N9 ANP E . 32.47 -3.46 -8.21
C8 ANP E . 32.12 -3.00 -9.46
N7 ANP E . 30.84 -2.75 -9.60
C5 ANP E . 30.30 -3.08 -8.37
C6 ANP E . 28.98 -3.06 -7.88
N6 ANP E . 27.94 -2.65 -8.60
N1 ANP E . 28.78 -3.45 -6.60
C2 ANP E . 29.83 -3.84 -5.87
N3 ANP E . 31.12 -3.92 -6.24
C4 ANP E . 31.29 -3.52 -7.51
HNB1 ANP E . 37.71 -2.30 -12.45
H5'1 ANP E . 35.21 -1.97 -10.47
H5'2 ANP E . 36.22 -2.98 -11.17
H4' ANP E . 36.37 -3.79 -9.11
H3' ANP E . 34.10 -5.09 -10.12
HO3' ANP E . 35.40 -6.79 -10.14
H2' ANP E . 33.45 -5.83 -8.10
HO2' ANP E . 36.02 -5.65 -7.56
H1' ANP E . 33.86 -3.72 -6.78
H8 ANP E . 32.76 -2.86 -10.16
HN61 ANP E . 27.80 -2.99 -9.45
HN62 ANP E . 27.34 -2.05 -8.25
H2 ANP E . 29.63 -4.12 -4.97
MG MG F . 36.45 -5.86 -14.88
MG MG G . 35.83 -1.60 -17.24
PG ANP H . -31.25 3.38 28.67
O1G ANP H . -31.80 3.07 30.03
O2G ANP H . -32.22 4.42 27.99
O3G ANP H . -29.81 3.99 28.86
PB ANP H . -30.90 2.05 26.08
O1B ANP H . -31.70 1.02 25.37
O2B ANP H . -31.34 3.47 25.58
N3B ANP H . -31.23 1.92 27.75
PA ANP H . -28.52 2.86 24.85
O1A ANP H . -28.36 2.31 23.47
O2A ANP H . -29.24 4.21 24.94
O3A ANP H . -29.38 1.83 25.76
O5' ANP H . -27.07 2.97 25.48
C5' ANP H . -26.77 2.33 26.74
C4' ANP H . -25.86 3.18 27.61
O4' ANP H . -24.59 2.50 27.72
C3' ANP H . -25.56 4.58 27.10
O3' ANP H . -26.42 5.54 27.73
C2' ANP H . -24.08 4.77 27.44
O2' ANP H . -23.89 5.22 28.78
C1' ANP H . -23.55 3.35 27.29
N9 ANP H . -23.21 2.99 25.91
C8 ANP H . -24.07 2.56 24.93
N7 ANP H . -23.49 2.33 23.78
C5 ANP H . -22.16 2.63 24.01
C6 ANP H . -21.01 2.57 23.19
N6 ANP H . -21.05 2.22 21.91
N1 ANP H . -19.83 2.93 23.73
C2 ANP H . -19.80 3.31 25.01
N3 ANP H . -20.81 3.40 25.89
C4 ANP H . -21.97 3.03 25.32
HNB1 ANP H . -32.00 1.48 27.86
H5'1 ANP H . -26.33 1.49 26.57
H5'2 ANP H . -27.60 2.18 27.23
H4' ANP H . -26.22 3.24 28.52
H3' ANP H . -25.67 4.61 26.15
HO3' ANP H . -26.19 6.35 27.49
H2' ANP H . -23.65 5.35 26.80
HO2' ANP H . -24.55 5.77 29.01
H1' ANP H . -22.78 3.25 27.86
H8 ANP H . -25.00 2.45 25.07
HN61 ANP H . -20.51 2.64 21.29
HN62 ANP H . -21.63 1.56 21.63
H2 ANP H . -18.93 3.56 25.36
MG MG I . -30.61 5.29 25.81
#